data_6FWC
#
_entry.id   6FWC
#
_cell.length_a   131.728
_cell.length_b   222.051
_cell.length_c   86.293
_cell.angle_alpha   90.00
_cell.angle_beta   90.00
_cell.angle_gamma   90.00
#
_symmetry.space_group_name_H-M   'C 2 2 2'
#
loop_
_entity.id
_entity.type
_entity.pdbx_description
1 polymer 'Amine oxidase [flavin-containing] B'
2 non-polymer 'FLAVIN-ADENINE DINUCLEOTIDE'
3 non-polymer ~{N}-(3-fluorophenyl)-4-oxidanylidene-chromene-3-carboxamide
4 non-polymer N-DODECYL-N,N-DIMETHYL-3-AMMONIO-1-PROPANESULFONATE
5 non-polymer GLYCEROL
6 water water
#
_entity_poly.entity_id   1
_entity_poly.type   'polypeptide(L)'
_entity_poly.pdbx_seq_one_letter_code
;MSNKCDVVVVGGGISGMAAAKLLHDSGLNVVVLEARDRVGGRTYTLRNQKVKYVDLGGSYVGPTQNRILRLAKELGLETY
KVNEVERLIHHVKGKSYPFRGPFPPVWNPITYLDHNNFWRTMDDMGREIPSDAPWKAPLAEEWDNMTMKELLDKLCWTES
AKQLATLFVNLCVTAETHEVSALWFLWYVKQCGGTTRIISTTNGGQERKFVGGSGQVSERIMDLLGDRVKLERPVIYIDQ
TRENVLVETLNHEMYEAKYVISAIPPTLGMKIHFNPPLPMMRNQMITRVPLGSVIKCIVYYKEPFWRKKDYCGTMIIDGE
EAPVAYTLDDTKPEGNYAAIMGFILAHKARKLARLTKEERLKKLCELYAKVLGSLEALEPVHYEEKNWCEEQYSGGCYTT
YFPPGILTQYGRVLRQPVDRIYFAGTETATHWSGYMEGAVEAGERAAREILHAMGKIPEDEIWQSEPESVDVPAQPITTT
FLERHLPSVPGLLRLIGLTTIFSATALGFLAHKRGLLVRV
;
_entity_poly.pdbx_strand_id   A,B
#
loop_
_chem_comp.id
_chem_comp.type
_chem_comp.name
_chem_comp.formula
C15 non-polymer N-DODECYL-N,N-DIMETHYL-3-AMMONIO-1-PROPANESULFONATE 'C17 H38 N O3 S 1'
E98 non-polymer ~{N}-(3-fluorophenyl)-4-oxidanylidene-chromene-3-carboxamide 'C16 H10 F N O3'
FAD non-polymer 'FLAVIN-ADENINE DINUCLEOTIDE' 'C27 H33 N9 O15 P2'
GOL non-polymer GLYCEROL 'C3 H8 O3'
#
# COMPACT_ATOMS: atom_id res chain seq x y z
N ASN A 3 14.19 -24.87 20.18
CA ASN A 3 13.10 -24.70 21.18
C ASN A 3 13.30 -23.46 22.10
N LYS A 4 13.96 -23.57 23.26
CA LYS A 4 13.97 -22.46 24.25
C LYS A 4 15.19 -21.54 24.09
N CYS A 5 14.96 -20.23 24.15
CA CYS A 5 16.06 -19.25 24.14
C CYS A 5 15.65 -17.92 24.78
N ASP A 6 16.57 -16.96 24.81
CA ASP A 6 16.27 -15.62 25.29
C ASP A 6 15.55 -14.79 24.24
N VAL A 7 16.07 -14.78 23.02
CA VAL A 7 15.53 -13.94 21.94
C VAL A 7 15.49 -14.71 20.63
N VAL A 8 14.32 -14.68 19.97
CA VAL A 8 14.15 -15.16 18.61
C VAL A 8 14.23 -13.92 17.71
N VAL A 9 15.11 -13.99 16.71
CA VAL A 9 15.19 -12.97 15.67
C VAL A 9 14.56 -13.56 14.43
N VAL A 10 13.53 -12.89 13.92
CA VAL A 10 12.83 -13.29 12.72
C VAL A 10 13.51 -12.57 11.56
N GLY A 11 14.19 -13.33 10.73
CA GLY A 11 14.89 -12.78 9.56
C GLY A 11 16.39 -12.68 9.75
N GLY A 12 17.12 -13.26 8.81
CA GLY A 12 18.56 -13.33 8.80
C GLY A 12 19.19 -12.48 7.69
N GLY A 13 18.63 -11.27 7.48
CA GLY A 13 19.30 -10.25 6.70
C GLY A 13 20.35 -9.58 7.58
N ILE A 14 21.00 -8.54 7.07
CA ILE A 14 21.98 -7.80 7.85
C ILE A 14 21.41 -7.27 9.18
N SER A 15 20.16 -6.81 9.17
CA SER A 15 19.57 -6.25 10.38
C SER A 15 19.41 -7.31 11.46
N GLY A 16 18.75 -8.42 11.10
CA GLY A 16 18.57 -9.51 12.04
C GLY A 16 19.91 -10.09 12.48
N MET A 17 20.87 -10.23 11.57
CA MET A 17 22.17 -10.79 11.94
C MET A 17 22.95 -9.85 12.86
N ALA A 18 22.90 -8.55 12.60
CA ALA A 18 23.54 -7.56 13.48
C ALA A 18 22.92 -7.56 14.88
N ALA A 19 21.59 -7.67 14.93
CA ALA A 19 20.88 -7.79 16.19
C ALA A 19 21.31 -9.06 16.94
N ALA A 20 21.30 -10.19 16.22
CA ALA A 20 21.60 -11.47 16.86
C ALA A 20 23.03 -11.47 17.39
N LYS A 21 23.95 -10.92 16.60
CA LYS A 21 25.35 -10.83 17.02
C LYS A 21 25.53 -10.02 18.29
N LEU A 22 24.91 -8.85 18.35
CA LEU A 22 25.00 -7.99 19.52
C LEU A 22 24.46 -8.74 20.76
N LEU A 23 23.29 -9.34 20.62
CA LEU A 23 22.69 -10.12 21.73
C LEU A 23 23.59 -11.30 22.17
N HIS A 24 24.12 -12.03 21.21
CA HIS A 24 25.05 -13.15 21.44
C HIS A 24 26.31 -12.67 22.17
N ASP A 25 26.88 -11.56 21.70
CA ASP A 25 28.08 -10.97 22.31
C ASP A 25 27.82 -10.50 23.75
N SER A 26 26.58 -10.13 24.05
CA SER A 26 26.18 -9.69 25.40
CA SER A 26 26.20 -9.69 25.40
C SER A 26 25.91 -10.87 26.34
N GLY A 27 26.05 -12.10 25.83
CA GLY A 27 25.84 -13.32 26.61
C GLY A 27 24.44 -13.91 26.61
N LEU A 28 23.57 -13.49 25.70
CA LEU A 28 22.24 -14.09 25.62
C LEU A 28 22.22 -15.23 24.63
N ASN A 29 21.20 -16.07 24.77
CA ASN A 29 20.92 -17.19 23.89
C ASN A 29 19.92 -16.75 22.84
N VAL A 30 20.42 -16.65 21.61
CA VAL A 30 19.63 -16.18 20.48
C VAL A 30 19.43 -17.28 19.47
N VAL A 31 18.29 -17.22 18.79
CA VAL A 31 18.06 -18.02 17.61
C VAL A 31 17.64 -17.06 16.47
N VAL A 32 18.13 -17.33 15.26
CA VAL A 32 17.71 -16.60 14.06
C VAL A 32 16.88 -17.52 13.20
N LEU A 33 15.63 -17.15 12.94
CA LEU A 33 14.77 -17.95 12.07
C LEU A 33 14.70 -17.28 10.70
N GLU A 34 15.25 -17.95 9.69
CA GLU A 34 15.34 -17.38 8.34
C GLU A 34 14.52 -18.21 7.38
N ALA A 35 13.65 -17.55 6.63
CA ALA A 35 12.79 -18.20 5.66
C ALA A 35 13.52 -18.91 4.53
N ARG A 36 14.57 -18.29 4.01
CA ARG A 36 15.29 -18.81 2.85
C ARG A 36 16.29 -19.88 3.21
N ASP A 37 16.84 -20.52 2.18
CA ASP A 37 17.98 -21.43 2.34
C ASP A 37 19.35 -20.72 2.47
N ARG A 38 19.33 -19.42 2.74
CA ARG A 38 20.53 -18.60 2.84
C ARG A 38 20.20 -17.43 3.72
N VAL A 39 21.26 -16.83 4.26
CA VAL A 39 21.19 -15.54 4.93
C VAL A 39 21.53 -14.41 3.94
N GLY A 40 21.25 -13.17 4.35
CA GLY A 40 21.61 -11.96 3.58
C GLY A 40 20.43 -11.15 3.06
N GLY A 41 19.30 -11.81 2.79
CA GLY A 41 18.05 -11.17 2.41
C GLY A 41 18.11 -10.39 1.11
N ARG A 42 17.99 -9.06 1.24
CA ARG A 42 18.11 -8.13 0.10
C ARG A 42 19.57 -7.90 -0.32
N THR A 43 20.51 -8.50 0.38
CA THR A 43 21.87 -8.71 -0.14
C THR A 43 22.02 -10.15 -0.60
N TYR A 44 22.71 -10.34 -1.72
CA TYR A 44 22.93 -11.67 -2.27
C TYR A 44 24.12 -11.58 -3.19
N THR A 45 25.16 -12.33 -2.85
CA THR A 45 26.40 -12.39 -3.63
C THR A 45 26.43 -13.74 -4.36
N LEU A 46 26.27 -13.67 -5.68
CA LEU A 46 26.37 -14.82 -6.54
C LEU A 46 27.85 -15.12 -6.80
N ARG A 47 28.24 -16.39 -6.69
CA ARG A 47 29.60 -16.79 -7.08
C ARG A 47 29.58 -17.84 -8.18
N ASN A 48 30.31 -17.59 -9.26
CA ASN A 48 30.58 -18.61 -10.28
C ASN A 48 31.88 -18.26 -10.99
N GLN A 49 32.30 -19.12 -11.90
CA GLN A 49 33.61 -18.93 -12.53
C GLN A 49 33.60 -17.76 -13.51
N LYS A 50 32.47 -17.47 -14.13
CA LYS A 50 32.38 -16.37 -15.09
C LYS A 50 32.51 -14.98 -14.45
N VAL A 51 31.99 -14.82 -13.24
CA VAL A 51 31.97 -13.51 -12.55
C VAL A 51 32.91 -13.40 -11.35
N LYS A 52 33.42 -14.54 -10.88
CA LYS A 52 34.04 -14.71 -9.57
C LYS A 52 33.02 -14.48 -8.46
N TYR A 53 32.62 -13.23 -8.25
CA TYR A 53 31.54 -12.89 -7.32
C TYR A 53 30.82 -11.68 -7.90
N VAL A 54 29.53 -11.55 -7.60
CA VAL A 54 28.80 -10.33 -7.93
C VAL A 54 27.62 -10.11 -7.00
N ASP A 55 27.49 -8.87 -6.53
CA ASP A 55 26.35 -8.47 -5.74
C ASP A 55 25.13 -8.28 -6.67
N LEU A 56 24.11 -9.11 -6.48
CA LEU A 56 22.84 -8.97 -7.20
C LEU A 56 21.81 -8.19 -6.38
N GLY A 57 22.08 -8.03 -5.09
CA GLY A 57 21.31 -7.16 -4.21
C GLY A 57 22.12 -5.95 -3.78
N GLY A 58 21.91 -5.52 -2.54
CA GLY A 58 22.64 -4.36 -2.01
C GLY A 58 24.14 -4.55 -2.08
N SER A 59 24.84 -3.47 -2.45
CA SER A 59 26.28 -3.50 -2.72
C SER A 59 27.08 -2.31 -2.19
N TYR A 60 26.60 -1.08 -2.45
CA TYR A 60 27.40 0.11 -2.21
C TYR A 60 27.39 0.53 -0.75
N VAL A 61 28.56 0.93 -0.29
CA VAL A 61 28.71 1.63 0.97
C VAL A 61 29.53 2.91 0.74
N GLY A 62 29.46 3.83 1.68
CA GLY A 62 30.19 5.07 1.53
C GLY A 62 30.32 5.88 2.79
N PRO A 63 31.00 7.04 2.69
CA PRO A 63 31.19 7.90 3.84
C PRO A 63 29.90 8.27 4.57
N THR A 64 30.02 8.33 5.90
CA THR A 64 28.95 8.53 6.86
C THR A 64 28.16 7.23 7.19
N GLN A 65 28.45 6.12 6.52
CA GLN A 65 27.83 4.84 6.84
C GLN A 65 28.75 4.07 7.77
N ASN A 66 28.95 4.61 8.97
CA ASN A 66 29.99 4.08 9.83
C ASN A 66 29.68 2.78 10.51
N ARG A 67 28.39 2.47 10.70
CA ARG A 67 28.00 1.21 11.35
C ARG A 67 28.27 0.00 10.48
N ILE A 68 27.87 0.05 9.23
CA ILE A 68 28.14 -1.08 8.32
C ILE A 68 29.65 -1.21 8.08
N LEU A 69 30.34 -0.09 7.98
CA LEU A 69 31.79 -0.15 7.79
C LEU A 69 32.49 -0.85 8.99
N ARG A 70 32.05 -0.48 10.19
CA ARG A 70 32.62 -1.01 11.42
C ARG A 70 32.30 -2.51 11.54
N LEU A 71 31.04 -2.88 11.30
CA LEU A 71 30.64 -4.28 11.35
C LEU A 71 31.43 -5.12 10.37
N ALA A 72 31.47 -4.67 9.12
CA ALA A 72 32.19 -5.38 8.09
C ALA A 72 33.70 -5.51 8.41
N LYS A 73 34.30 -4.43 8.90
CA LYS A 73 35.73 -4.43 9.24
C LYS A 73 36.01 -5.45 10.36
N GLU A 74 35.17 -5.44 11.37
CA GLU A 74 35.27 -6.41 12.46
C GLU A 74 35.19 -7.85 11.96
N LEU A 75 34.40 -8.11 10.91
CA LEU A 75 34.28 -9.43 10.31
C LEU A 75 35.39 -9.81 9.32
N GLY A 76 36.40 -8.94 9.16
CA GLY A 76 37.56 -9.21 8.29
C GLY A 76 37.37 -8.76 6.85
N LEU A 77 36.36 -7.94 6.57
CA LEU A 77 36.09 -7.49 5.20
C LEU A 77 36.81 -6.18 4.85
N GLU A 78 36.99 -5.97 3.56
CA GLU A 78 37.64 -4.80 3.03
C GLU A 78 36.75 -4.19 1.94
N THR A 79 36.93 -2.89 1.71
CA THR A 79 36.23 -2.18 0.63
C THR A 79 37.20 -1.81 -0.49
N TYR A 80 36.62 -1.46 -1.63
CA TYR A 80 37.38 -0.80 -2.70
C TYR A 80 36.47 0.24 -3.35
N LYS A 81 37.08 1.21 -4.00
CA LYS A 81 36.34 2.31 -4.63
C LYS A 81 35.77 1.93 -5.98
N VAL A 82 34.49 2.26 -6.16
CA VAL A 82 33.80 2.16 -7.43
C VAL A 82 34.53 3.11 -8.40
N ASN A 83 34.75 2.66 -9.64
CA ASN A 83 35.45 3.50 -10.60
C ASN A 83 34.73 4.83 -10.96
N GLU A 84 35.38 5.94 -10.61
CA GLU A 84 34.92 7.27 -11.02
C GLU A 84 36.09 8.15 -11.45
N VAL A 85 37.10 7.53 -12.04
CA VAL A 85 38.28 8.25 -12.47
C VAL A 85 37.97 9.14 -13.67
N GLU A 86 37.31 8.54 -14.66
CA GLU A 86 37.02 9.20 -15.93
C GLU A 86 35.63 9.91 -15.86
N ARG A 87 35.13 10.38 -17.00
CA ARG A 87 33.98 11.27 -17.02
C ARG A 87 32.70 10.47 -16.86
N LEU A 88 31.72 11.10 -16.21
CA LEU A 88 30.37 10.56 -16.14
C LEU A 88 29.64 10.97 -17.42
N ILE A 89 28.52 10.31 -17.74
CA ILE A 89 27.69 10.70 -18.91
C ILE A 89 26.26 11.01 -18.49
N HIS A 90 25.73 12.14 -18.95
CA HIS A 90 24.29 12.42 -18.86
C HIS A 90 23.78 12.30 -20.28
N HIS A 91 22.86 11.36 -20.50
CA HIS A 91 22.29 11.13 -21.83
C HIS A 91 20.87 11.68 -21.83
N VAL A 92 20.63 12.68 -22.69
CA VAL A 92 19.42 13.51 -22.69
C VAL A 92 19.00 13.70 -24.15
N LYS A 93 17.75 13.37 -24.47
CA LYS A 93 17.18 13.57 -25.81
C LYS A 93 18.06 12.95 -26.91
N GLY A 94 18.46 11.71 -26.68
CA GLY A 94 19.20 10.96 -27.68
C GLY A 94 20.68 11.22 -27.80
N LYS A 95 21.25 12.11 -26.97
CA LYS A 95 22.66 12.47 -27.03
C LYS A 95 23.34 12.40 -25.67
N SER A 96 24.64 12.08 -25.69
CA SER A 96 25.44 11.98 -24.47
C SER A 96 26.27 13.24 -24.22
N TYR A 97 26.27 13.69 -22.97
CA TYR A 97 26.98 14.87 -22.49
C TYR A 97 27.88 14.46 -21.33
N PRO A 98 29.18 14.28 -21.60
CA PRO A 98 30.09 13.92 -20.51
C PRO A 98 30.30 15.06 -19.53
N PHE A 99 30.55 14.70 -18.27
CA PHE A 99 30.75 15.70 -17.22
C PHE A 99 31.55 15.15 -16.05
N ARG A 100 31.92 16.06 -15.15
CA ARG A 100 32.56 15.72 -13.87
C ARG A 100 31.80 16.37 -12.72
N GLY A 101 31.95 15.81 -11.52
CA GLY A 101 31.28 16.35 -10.32
C GLY A 101 29.98 15.57 -10.21
N PRO A 102 29.33 15.62 -9.05
CA PRO A 102 28.20 14.71 -8.86
C PRO A 102 26.91 15.10 -9.61
N PHE A 103 26.65 16.40 -9.75
CA PHE A 103 25.39 16.84 -10.35
C PHE A 103 25.55 17.01 -11.85
N PRO A 104 24.66 16.39 -12.65
CA PRO A 104 24.68 16.66 -14.09
C PRO A 104 24.41 18.15 -14.38
N PRO A 105 25.34 18.81 -15.08
CA PRO A 105 25.31 20.22 -15.25
C PRO A 105 24.46 20.66 -16.43
N VAL A 106 24.25 21.97 -16.46
CA VAL A 106 23.37 22.55 -17.45
C VAL A 106 23.94 23.93 -17.82
N TRP A 107 23.78 24.33 -19.09
CA TRP A 107 24.37 25.61 -19.57
C TRP A 107 23.35 26.73 -19.68
N ASN A 108 22.14 26.43 -20.11
CA ASN A 108 21.10 27.44 -20.25
C ASN A 108 20.86 28.14 -18.90
N PRO A 109 21.04 29.48 -18.86
CA PRO A 109 20.92 30.23 -17.61
C PRO A 109 19.63 30.00 -16.83
N ILE A 110 18.50 29.94 -17.52
CA ILE A 110 17.20 29.74 -16.86
C ILE A 110 17.15 28.33 -16.28
N THR A 111 17.58 27.36 -17.08
CA THR A 111 17.61 25.97 -16.67
C THR A 111 18.61 25.79 -15.53
N TYR A 112 19.72 26.52 -15.58
CA TYR A 112 20.69 26.50 -14.50
C TYR A 112 20.05 26.92 -13.18
N LEU A 113 19.34 28.05 -13.19
CA LEU A 113 18.65 28.50 -11.99
C LEU A 113 17.63 27.44 -11.49
N ASP A 114 16.91 26.83 -12.42
CA ASP A 114 15.87 25.86 -12.08
C ASP A 114 16.44 24.59 -11.44
N HIS A 115 17.54 24.08 -12.03
CA HIS A 115 18.25 22.91 -11.45
C HIS A 115 18.83 23.25 -10.08
N ASN A 116 19.52 24.39 -9.97
CA ASN A 116 20.10 24.78 -8.69
C ASN A 116 19.04 24.86 -7.60
N ASN A 117 17.90 25.47 -7.93
CA ASN A 117 16.81 25.64 -7.01
C ASN A 117 16.16 24.31 -6.66
N PHE A 118 16.04 23.41 -7.64
CA PHE A 118 15.45 22.10 -7.37
C PHE A 118 16.23 21.37 -6.25
N TRP A 119 17.53 21.18 -6.43
CA TRP A 119 18.32 20.44 -5.44
C TRP A 119 18.38 21.18 -4.10
N ARG A 120 18.56 22.49 -4.16
CA ARG A 120 18.56 23.33 -2.95
C ARG A 120 17.28 23.19 -2.16
N THR A 121 16.15 23.20 -2.86
CA THR A 121 14.85 23.14 -2.23
C THR A 121 14.60 21.75 -1.60
N MET A 122 15.04 20.67 -2.25
CA MET A 122 14.95 19.34 -1.63
C MET A 122 15.60 19.36 -0.25
N ASP A 123 16.77 19.98 -0.17
CA ASP A 123 17.51 20.02 1.08
C ASP A 123 16.91 21.04 2.05
N ASP A 124 16.43 22.17 1.55
CA ASP A 124 15.79 23.16 2.42
C ASP A 124 14.59 22.53 3.13
N MET A 125 13.75 21.85 2.35
CA MET A 125 12.58 21.16 2.91
C MET A 125 13.03 20.07 3.88
N GLY A 126 14.06 19.31 3.51
CA GLY A 126 14.61 18.25 4.37
C GLY A 126 14.97 18.77 5.77
N ARG A 127 15.52 19.99 5.83
CA ARG A 127 15.96 20.54 7.14
C ARG A 127 14.80 20.79 8.10
N GLU A 128 13.57 20.86 7.57
CA GLU A 128 12.38 20.97 8.40
C GLU A 128 11.90 19.64 9.00
N ILE A 129 12.46 18.52 8.55
CA ILE A 129 11.94 17.19 8.86
C ILE A 129 12.85 16.46 9.83
N PRO A 130 12.35 16.19 11.05
CA PRO A 130 13.20 15.44 11.97
C PRO A 130 13.43 14.00 11.51
N SER A 131 14.68 13.56 11.53
CA SER A 131 15.07 12.20 11.11
C SER A 131 14.33 11.11 11.87
N ASP A 132 14.11 11.34 13.16
CA ASP A 132 13.50 10.31 14.00
C ASP A 132 11.98 10.47 14.13
N ALA A 133 11.41 11.46 13.45
CA ALA A 133 9.99 11.77 13.59
C ALA A 133 9.52 12.66 12.45
N PRO A 134 9.56 12.13 11.21
CA PRO A 134 9.21 13.03 10.09
C PRO A 134 7.81 13.64 10.15
N TRP A 135 6.87 12.95 10.77
CA TRP A 135 5.50 13.41 10.99
C TRP A 135 5.41 14.66 11.90
N LYS A 136 6.51 15.01 12.55
CA LYS A 136 6.62 16.25 13.32
C LYS A 136 7.06 17.48 12.53
N ALA A 137 7.36 17.33 11.24
CA ALA A 137 7.66 18.51 10.41
C ALA A 137 6.49 19.50 10.51
N PRO A 138 6.78 20.82 10.53
CA PRO A 138 5.69 21.78 10.68
C PRO A 138 4.59 21.67 9.62
N LEU A 139 4.97 21.34 8.38
CA LEU A 139 3.99 21.15 7.30
C LEU A 139 3.85 19.68 6.91
N ALA A 140 4.01 18.78 7.89
CA ALA A 140 4.03 17.35 7.61
C ALA A 140 2.78 16.92 6.87
N GLU A 141 1.62 17.41 7.32
CA GLU A 141 0.37 17.01 6.71
C GLU A 141 0.28 17.46 5.24
N GLU A 142 0.50 18.75 5.01
CA GLU A 142 0.52 19.29 3.66
C GLU A 142 1.48 18.52 2.73
N TRP A 143 2.69 18.29 3.19
CA TRP A 143 3.67 17.60 2.36
C TRP A 143 3.35 16.10 2.19
N ASP A 144 2.77 15.48 3.22
CA ASP A 144 2.40 14.06 3.11
C ASP A 144 1.21 13.80 2.21
N ASN A 145 0.38 14.83 2.02
CA ASN A 145 -0.84 14.70 1.22
C ASN A 145 -0.63 15.02 -0.26
N MET A 146 0.62 15.23 -0.68
CA MET A 146 0.97 15.35 -2.08
C MET A 146 2.01 14.30 -2.45
N THR A 147 1.99 13.91 -3.72
CA THR A 147 2.97 12.98 -4.24
C THR A 147 4.22 13.76 -4.64
N MET A 148 5.31 13.06 -4.85
CA MET A 148 6.48 13.71 -5.45
C MET A 148 6.18 14.31 -6.82
N LYS A 149 5.30 13.69 -7.60
CA LYS A 149 4.93 14.21 -8.91
C LYS A 149 4.34 15.63 -8.77
N GLU A 150 3.42 15.78 -7.82
CA GLU A 150 2.83 17.09 -7.57
C GLU A 150 3.87 18.10 -7.16
N LEU A 151 4.81 17.69 -6.30
CA LEU A 151 5.83 18.61 -5.83
C LEU A 151 6.75 19.04 -6.98
N LEU A 152 7.18 18.09 -7.80
CA LEU A 152 8.04 18.42 -8.95
C LEU A 152 7.30 19.30 -9.94
N ASP A 153 6.02 19.03 -10.17
CA ASP A 153 5.21 19.90 -11.05
C ASP A 153 5.16 21.37 -10.56
N LYS A 154 5.12 21.57 -9.24
CA LYS A 154 5.11 22.93 -8.66
C LYS A 154 6.50 23.57 -8.72
N LEU A 155 7.52 22.77 -8.46
CA LEU A 155 8.88 23.28 -8.22
C LEU A 155 9.72 23.50 -9.48
N CYS A 156 9.53 22.66 -10.50
CA CYS A 156 10.41 22.64 -11.67
C CYS A 156 9.76 23.46 -12.76
N TRP A 157 10.40 24.60 -13.08
CA TRP A 157 9.94 25.49 -14.13
C TRP A 157 10.49 25.12 -15.50
N THR A 158 11.35 24.12 -15.56
CA THR A 158 11.85 23.59 -16.83
C THR A 158 11.61 22.08 -16.91
N GLU A 159 11.40 21.59 -18.12
CA GLU A 159 11.29 20.15 -18.34
C GLU A 159 12.63 19.46 -18.06
N SER A 160 13.74 20.15 -18.32
CA SER A 160 15.06 19.61 -18.05
C SER A 160 15.17 19.22 -16.54
N ALA A 161 14.81 20.14 -15.67
CA ALA A 161 14.92 19.86 -14.21
C ALA A 161 13.93 18.77 -13.83
N LYS A 162 12.72 18.83 -14.39
CA LYS A 162 11.70 17.85 -14.04
C LYS A 162 12.11 16.44 -14.44
N GLN A 163 12.69 16.30 -15.62
CA GLN A 163 13.13 14.99 -16.10
C GLN A 163 14.27 14.43 -15.24
N LEU A 164 15.25 15.26 -14.88
CA LEU A 164 16.33 14.81 -14.00
C LEU A 164 15.83 14.48 -12.61
N ALA A 165 14.95 15.33 -12.08
CA ALA A 165 14.37 15.12 -10.77
C ALA A 165 13.57 13.83 -10.73
N THR A 166 12.83 13.55 -11.80
CA THR A 166 12.07 12.30 -11.90
C THR A 166 12.98 11.07 -11.85
N LEU A 167 14.06 11.12 -12.62
CA LEU A 167 15.08 10.08 -12.58
C LEU A 167 15.62 9.91 -11.18
N PHE A 168 15.93 11.04 -10.51
CA PHE A 168 16.44 11.02 -9.12
C PHE A 168 15.53 10.22 -8.20
N VAL A 169 14.23 10.51 -8.27
CA VAL A 169 13.26 9.80 -7.43
C VAL A 169 13.24 8.31 -7.79
N ASN A 170 13.08 8.01 -9.09
CA ASN A 170 13.03 6.62 -9.56
C ASN A 170 14.25 5.80 -9.08
N LEU A 171 15.42 6.41 -9.18
CA LEU A 171 16.69 5.75 -8.85
C LEU A 171 16.89 5.60 -7.35
N CYS A 172 16.50 6.62 -6.60
CA CYS A 172 16.62 6.62 -5.15
CA CYS A 172 16.65 6.62 -5.18
C CYS A 172 15.70 5.64 -4.46
N VAL A 173 14.44 5.58 -4.92
CA VAL A 173 13.41 4.80 -4.24
C VAL A 173 12.65 3.77 -5.10
N THR A 174 13.17 3.46 -6.29
CA THR A 174 12.63 2.43 -7.20
C THR A 174 11.09 2.48 -7.30
N ALA A 175 10.59 3.70 -7.40
CA ALA A 175 9.15 3.97 -7.48
C ALA A 175 8.94 5.22 -8.30
N GLU A 176 7.72 5.37 -8.78
CA GLU A 176 7.38 6.51 -9.62
C GLU A 176 7.10 7.71 -8.75
N THR A 177 7.26 8.90 -9.31
CA THR A 177 7.03 10.11 -8.54
C THR A 177 5.58 10.23 -8.04
N HIS A 178 4.64 9.73 -8.83
CA HIS A 178 3.22 9.74 -8.44
C HIS A 178 2.86 8.65 -7.43
N GLU A 179 3.76 7.68 -7.18
CA GLU A 179 3.51 6.63 -6.20
C GLU A 179 3.80 7.03 -4.76
N VAL A 180 4.70 7.99 -4.59
CA VAL A 180 5.30 8.22 -3.27
C VAL A 180 4.87 9.57 -2.68
N SER A 181 4.74 9.59 -1.36
CA SER A 181 4.55 10.81 -0.59
C SER A 181 5.75 11.75 -0.72
N ALA A 182 5.48 13.05 -0.89
CA ALA A 182 6.51 14.06 -0.89
C ALA A 182 7.21 14.13 0.46
N LEU A 183 6.44 14.13 1.55
CA LEU A 183 7.03 14.11 2.90
C LEU A 183 7.99 12.96 3.09
N TRP A 184 7.51 11.75 2.75
CA TRP A 184 8.35 10.57 2.94
C TRP A 184 9.63 10.67 2.08
N PHE A 185 9.50 11.10 0.83
CA PHE A 185 10.67 11.19 -0.04
C PHE A 185 11.68 12.21 0.49
N LEU A 186 11.18 13.36 0.91
CA LEU A 186 12.04 14.40 1.47
C LEU A 186 12.74 13.91 2.74
N TRP A 187 12.01 13.15 3.57
CA TRP A 187 12.61 12.55 4.76
C TRP A 187 13.71 11.60 4.34
N TYR A 188 13.40 10.75 3.37
CA TYR A 188 14.31 9.70 2.93
C TYR A 188 15.67 10.29 2.52
N VAL A 189 15.65 11.36 1.72
CA VAL A 189 16.86 11.98 1.26
C VAL A 189 17.59 12.64 2.42
N LYS A 190 16.85 13.38 3.24
CA LYS A 190 17.48 14.11 4.36
C LYS A 190 18.16 13.14 5.35
N GLN A 191 17.53 12.00 5.60
CA GLN A 191 18.09 11.03 6.56
C GLN A 191 19.30 10.23 6.01
N CYS A 192 19.62 10.42 4.73
CA CYS A 192 20.89 9.98 4.16
C CYS A 192 21.95 11.08 4.11
N GLY A 193 21.64 12.28 4.64
CA GLY A 193 22.58 13.41 4.63
C GLY A 193 22.34 14.42 3.52
N GLY A 194 21.26 14.24 2.75
CA GLY A 194 20.85 15.20 1.72
C GLY A 194 21.24 14.83 0.31
N THR A 195 20.93 15.72 -0.63
CA THR A 195 20.99 15.40 -2.05
C THR A 195 22.39 15.04 -2.48
N THR A 196 23.37 15.86 -2.14
CA THR A 196 24.76 15.58 -2.56
C THR A 196 25.26 14.21 -2.10
N ARG A 197 25.06 13.93 -0.82
CA ARG A 197 25.54 12.69 -0.26
C ARG A 197 24.85 11.47 -0.90
N ILE A 198 23.55 11.56 -1.15
CA ILE A 198 22.80 10.40 -1.64
C ILE A 198 23.11 10.11 -3.12
N ILE A 199 23.39 11.14 -3.91
CA ILE A 199 23.63 10.97 -5.34
C ILE A 199 25.07 10.71 -5.71
N SER A 200 26.01 10.93 -4.80
CA SER A 200 27.43 10.89 -5.13
C SER A 200 28.04 9.51 -5.05
N THR A 201 28.97 9.24 -5.97
CA THR A 201 29.83 8.07 -5.92
C THR A 201 31.01 8.49 -5.03
N THR A 202 31.98 9.22 -5.59
CA THR A 202 33.02 9.82 -4.76
C THR A 202 32.36 10.72 -3.70
N ASN A 203 32.71 10.52 -2.42
CA ASN A 203 32.14 11.28 -1.27
C ASN A 203 30.66 11.02 -0.99
N GLY A 204 30.12 9.94 -1.52
CA GLY A 204 28.70 9.59 -1.28
C GLY A 204 28.40 8.13 -1.10
N GLY A 205 27.09 7.86 -1.12
CA GLY A 205 26.55 6.52 -0.92
C GLY A 205 27.08 5.45 -1.83
N GLN A 206 27.48 5.81 -3.05
CA GLN A 206 27.95 4.82 -4.01
C GLN A 206 29.49 4.72 -4.11
N GLU A 207 30.21 5.20 -3.09
CA GLU A 207 31.68 5.28 -3.19
C GLU A 207 32.37 3.92 -3.32
N ARG A 208 31.88 2.93 -2.59
CA ARG A 208 32.60 1.68 -2.41
C ARG A 208 31.73 0.45 -2.48
N LYS A 209 32.39 -0.68 -2.68
CA LYS A 209 31.80 -1.99 -2.57
C LYS A 209 32.72 -2.83 -1.70
N PHE A 210 32.19 -3.92 -1.18
CA PHE A 210 32.98 -4.88 -0.42
C PHE A 210 33.73 -5.82 -1.35
N VAL A 211 35.02 -5.99 -1.07
CA VAL A 211 35.80 -7.01 -1.76
C VAL A 211 35.19 -8.36 -1.45
N GLY A 212 34.76 -9.06 -2.48
CA GLY A 212 34.14 -10.38 -2.35
C GLY A 212 32.63 -10.41 -2.16
N GLY A 213 31.99 -9.24 -2.07
CA GLY A 213 30.53 -9.13 -1.99
C GLY A 213 30.01 -8.85 -0.59
N SER A 214 28.87 -8.18 -0.52
CA SER A 214 28.26 -7.81 0.74
C SER A 214 27.58 -8.97 1.47
N GLY A 215 27.25 -10.05 0.75
CA GLY A 215 26.68 -11.25 1.36
C GLY A 215 27.54 -11.86 2.48
N GLN A 216 28.85 -11.60 2.39
CA GLN A 216 29.79 -12.01 3.41
C GLN A 216 29.50 -11.46 4.80
N VAL A 217 28.87 -10.28 4.88
CA VAL A 217 28.51 -9.73 6.19
C VAL A 217 27.58 -10.70 6.91
N SER A 218 26.46 -11.04 6.28
CA SER A 218 25.52 -11.95 6.89
C SER A 218 26.10 -13.37 7.07
N GLU A 219 26.86 -13.82 6.06
CA GLU A 219 27.45 -15.17 6.07
C GLU A 219 28.43 -15.34 7.24
N ARG A 220 29.28 -14.32 7.45
CA ARG A 220 30.31 -14.38 8.50
C ARG A 220 29.72 -14.27 9.89
N ILE A 221 28.61 -13.53 10.02
CA ILE A 221 27.86 -13.54 11.28
C ILE A 221 27.22 -14.91 11.51
N MET A 222 26.68 -15.52 10.46
CA MET A 222 26.16 -16.88 10.59
C MET A 222 27.27 -17.84 11.07
N ASP A 223 28.49 -17.69 10.54
CA ASP A 223 29.60 -18.58 10.97
C ASP A 223 29.87 -18.41 12.48
N LEU A 224 29.84 -17.17 12.97
CA LEU A 224 30.01 -16.86 14.38
C LEU A 224 28.93 -17.45 15.27
N LEU A 225 27.70 -17.49 14.76
CA LEU A 225 26.55 -17.95 15.53
C LEU A 225 26.36 -19.48 15.48
N GLY A 226 27.03 -20.16 14.54
CA GLY A 226 26.88 -21.60 14.35
C GLY A 226 25.45 -22.03 14.11
N ASP A 227 25.02 -23.07 14.84
CA ASP A 227 23.69 -23.65 14.63
C ASP A 227 22.54 -22.81 15.20
N ARG A 228 22.82 -21.63 15.74
CA ARG A 228 21.76 -20.73 16.19
C ARG A 228 20.94 -20.15 15.01
N VAL A 229 21.53 -20.12 13.82
CA VAL A 229 20.80 -19.73 12.61
C VAL A 229 20.07 -20.93 12.00
N LYS A 230 18.74 -20.82 11.90
CA LYS A 230 17.90 -21.87 11.35
C LYS A 230 17.41 -21.45 9.97
N LEU A 231 17.96 -22.07 8.94
CA LEU A 231 17.54 -21.77 7.56
C LEU A 231 16.30 -22.55 7.17
N GLU A 232 15.55 -22.02 6.21
CA GLU A 232 14.27 -22.60 5.77
C GLU A 232 13.29 -22.81 6.93
N ARG A 233 13.24 -21.78 7.78
CA ARG A 233 12.30 -21.63 8.89
C ARG A 233 11.49 -20.35 8.66
N PRO A 234 10.55 -20.35 7.70
CA PRO A 234 9.67 -19.17 7.64
C PRO A 234 8.76 -19.14 8.86
N VAL A 235 8.71 -17.99 9.53
CA VAL A 235 7.84 -17.79 10.65
C VAL A 235 6.41 -17.53 10.15
N ILE A 236 5.47 -18.26 10.75
CA ILE A 236 4.05 -18.20 10.41
C ILE A 236 3.14 -17.70 11.55
N TYR A 237 3.63 -17.71 12.80
CA TYR A 237 2.75 -17.49 13.95
C TYR A 237 3.54 -17.02 15.13
N ILE A 238 3.05 -15.97 15.77
CA ILE A 238 3.61 -15.44 16.99
C ILE A 238 2.50 -15.30 18.01
N ASP A 239 2.68 -15.97 19.16
CA ASP A 239 1.71 -16.02 20.25
C ASP A 239 2.34 -15.41 21.51
N GLN A 240 1.80 -14.28 21.95
CA GLN A 240 2.25 -13.59 23.16
C GLN A 240 1.23 -13.66 24.31
N THR A 241 0.31 -14.63 24.27
CA THR A 241 -0.71 -14.75 25.31
C THR A 241 -0.17 -15.34 26.61
N ARG A 242 0.97 -16.03 26.56
CA ARG A 242 1.53 -16.72 27.73
C ARG A 242 2.81 -16.03 28.25
N GLU A 243 3.39 -16.62 29.31
CA GLU A 243 4.58 -16.06 29.97
C GLU A 243 5.75 -15.85 29.01
N ASN A 244 6.04 -16.87 28.21
CA ASN A 244 7.07 -16.79 27.18
C ASN A 244 6.37 -16.67 25.82
N VAL A 245 7.03 -15.99 24.89
CA VAL A 245 6.52 -15.85 23.52
C VAL A 245 6.77 -17.15 22.77
N LEU A 246 5.77 -17.58 22.00
CA LEU A 246 5.87 -18.76 21.16
C LEU A 246 5.93 -18.32 19.70
N VAL A 247 6.94 -18.81 18.98
CA VAL A 247 7.15 -18.49 17.56
C VAL A 247 7.17 -19.82 16.81
N GLU A 248 6.23 -19.97 15.87
CA GLU A 248 6.10 -21.18 15.06
C GLU A 248 6.52 -20.93 13.63
N THR A 249 7.16 -21.95 13.06
CA THR A 249 7.62 -21.90 11.67
C THR A 249 6.77 -22.79 10.78
N LEU A 250 6.87 -22.53 9.49
CA LEU A 250 6.12 -23.25 8.46
C LEU A 250 6.43 -24.74 8.45
N ASN A 251 7.69 -25.08 8.69
CA ASN A 251 8.19 -26.47 8.71
C ASN A 251 7.92 -27.16 10.04
N HIS A 252 6.95 -26.65 10.82
CA HIS A 252 6.41 -27.34 11.97
C HIS A 252 7.37 -27.40 13.17
N GLU A 253 8.04 -26.29 13.48
CA GLU A 253 8.87 -26.19 14.68
C GLU A 253 8.34 -25.06 15.55
N MET A 254 8.53 -25.18 16.85
CA MET A 254 8.10 -24.16 17.81
C MET A 254 9.29 -23.70 18.61
N TYR A 255 9.44 -22.38 18.71
CA TYR A 255 10.50 -21.74 19.45
C TYR A 255 9.87 -20.90 20.56
N GLU A 256 10.49 -20.95 21.73
CA GLU A 256 10.01 -20.26 22.91
C GLU A 256 11.07 -19.26 23.33
N ALA A 257 10.65 -18.02 23.59
CA ALA A 257 11.61 -16.95 23.88
C ALA A 257 11.05 -15.92 24.84
N LYS A 258 11.93 -15.15 25.46
CA LYS A 258 11.49 -14.04 26.31
C LYS A 258 11.01 -12.85 25.46
N TYR A 259 11.71 -12.60 24.34
CA TYR A 259 11.42 -11.48 23.43
C TYR A 259 11.66 -11.91 21.99
N VAL A 260 11.09 -11.15 21.08
CA VAL A 260 11.27 -11.38 19.64
C VAL A 260 11.71 -10.07 18.98
N ILE A 261 12.61 -10.20 18.01
CA ILE A 261 12.94 -9.09 17.12
C ILE A 261 12.39 -9.46 15.74
N SER A 262 11.50 -8.62 15.22
CA SER A 262 11.05 -8.73 13.83
C SER A 262 12.04 -7.93 12.97
N ALA A 263 12.84 -8.64 12.17
CA ALA A 263 13.87 -8.02 11.32
C ALA A 263 13.55 -8.21 9.83
N ILE A 264 12.25 -8.24 9.50
CA ILE A 264 11.75 -8.39 8.13
C ILE A 264 11.15 -7.06 7.63
N PRO A 265 11.03 -6.89 6.31
CA PRO A 265 10.39 -5.68 5.79
C PRO A 265 9.00 -5.52 6.42
N PRO A 266 8.59 -4.29 6.74
CA PRO A 266 7.33 -4.12 7.49
C PRO A 266 6.13 -4.86 6.94
N THR A 267 5.84 -4.72 5.65
CA THR A 267 4.69 -5.41 5.07
C THR A 267 4.76 -6.94 5.17
N LEU A 268 5.97 -7.49 5.17
CA LEU A 268 6.15 -8.95 5.32
C LEU A 268 5.72 -9.48 6.69
N GLY A 269 5.50 -8.58 7.65
CA GLY A 269 4.73 -8.89 8.87
C GLY A 269 3.37 -9.54 8.63
N MET A 270 2.76 -9.25 7.49
CA MET A 270 1.49 -9.86 7.10
C MET A 270 1.55 -11.37 6.96
N LYS A 271 2.73 -11.92 6.71
CA LYS A 271 2.90 -13.36 6.54
C LYS A 271 2.84 -14.10 7.88
N ILE A 272 2.77 -13.35 8.97
CA ILE A 272 2.70 -13.90 10.33
C ILE A 272 1.29 -13.67 10.86
N HIS A 273 0.72 -14.73 11.45
CA HIS A 273 -0.56 -14.65 12.12
C HIS A 273 -0.24 -14.36 13.59
N PHE A 274 -0.89 -13.36 14.16
CA PHE A 274 -0.57 -12.89 15.50
C PHE A 274 -1.69 -13.21 16.49
N ASN A 275 -1.26 -13.70 17.65
CA ASN A 275 -2.15 -13.90 18.79
C ASN A 275 -1.52 -13.22 20.00
N PRO A 276 -2.18 -12.25 20.65
CA PRO A 276 -3.43 -11.63 20.19
C PRO A 276 -3.21 -10.85 18.90
N PRO A 277 -4.32 -10.44 18.24
CA PRO A 277 -4.15 -9.63 17.05
C PRO A 277 -3.30 -8.37 17.32
N LEU A 278 -2.61 -7.92 16.28
CA LEU A 278 -1.88 -6.67 16.37
C LEU A 278 -2.82 -5.52 16.73
N PRO A 279 -2.27 -4.51 17.42
CA PRO A 279 -3.09 -3.31 17.59
C PRO A 279 -3.49 -2.70 16.24
N MET A 280 -4.61 -1.98 16.24
CA MET A 280 -5.20 -1.41 15.02
C MET A 280 -4.22 -0.71 14.10
N MET A 281 -3.41 0.17 14.66
CA MET A 281 -2.56 1.01 13.81
C MET A 281 -1.52 0.16 13.09
N ARG A 282 -0.89 -0.78 13.79
CA ARG A 282 0.06 -1.68 13.10
C ARG A 282 -0.65 -2.63 12.13
N ASN A 283 -1.79 -3.19 12.54
CA ASN A 283 -2.60 -4.07 11.67
C ASN A 283 -2.80 -3.44 10.28
N GLN A 284 -3.18 -2.17 10.28
CA GLN A 284 -3.39 -1.47 9.02
C GLN A 284 -2.11 -0.97 8.37
N MET A 285 -1.13 -0.52 9.15
CA MET A 285 0.12 0.01 8.59
CA MET A 285 0.11 0.01 8.58
C MET A 285 0.79 -1.01 7.67
N ILE A 286 0.82 -2.28 8.10
CA ILE A 286 1.55 -3.31 7.35
C ILE A 286 0.90 -3.69 6.01
N THR A 287 -0.28 -3.14 5.73
CA THR A 287 -0.94 -3.25 4.40
C THR A 287 -0.76 -2.00 3.53
N ARG A 288 -0.04 -0.99 4.04
CA ARG A 288 0.03 0.31 3.39
C ARG A 288 1.43 0.68 2.93
N VAL A 289 2.37 -0.27 3.00
CA VAL A 289 3.82 0.05 2.89
C VAL A 289 4.53 -0.92 1.93
N PRO A 290 4.30 -0.72 0.63
CA PRO A 290 4.94 -1.59 -0.37
C PRO A 290 6.44 -1.33 -0.49
N LEU A 291 7.11 -2.29 -1.11
CA LEU A 291 8.51 -2.11 -1.53
C LEU A 291 8.56 -1.76 -3.01
N GLY A 292 9.65 -1.08 -3.40
CA GLY A 292 9.80 -0.68 -4.78
C GLY A 292 10.15 -1.83 -5.70
N SER A 293 10.43 -1.48 -6.94
CA SER A 293 10.57 -2.45 -8.03
C SER A 293 11.86 -2.18 -8.80
N VAL A 294 12.68 -3.22 -8.97
CA VAL A 294 13.97 -3.05 -9.63
C VAL A 294 14.48 -4.40 -10.13
N ILE A 295 15.08 -4.37 -11.32
CA ILE A 295 15.90 -5.48 -11.80
C ILE A 295 17.34 -4.95 -11.84
N LYS A 296 18.25 -5.62 -11.16
CA LYS A 296 19.66 -5.28 -11.20
C LYS A 296 20.31 -6.17 -12.23
N CYS A 297 20.99 -5.55 -13.20
CA CYS A 297 21.51 -6.21 -14.39
C CYS A 297 22.99 -5.92 -14.55
N ILE A 298 23.80 -6.97 -14.70
CA ILE A 298 25.25 -6.79 -14.87
C ILE A 298 25.68 -7.44 -16.20
N VAL A 299 26.19 -6.60 -17.10
CA VAL A 299 26.69 -7.04 -18.39
C VAL A 299 28.21 -7.05 -18.35
N TYR A 300 28.78 -8.19 -18.69
CA TYR A 300 30.24 -8.41 -18.64
C TYR A 300 30.84 -8.26 -20.02
N TYR A 301 32.04 -7.68 -20.05
CA TYR A 301 32.80 -7.46 -21.26
C TYR A 301 34.25 -7.94 -21.10
N LYS A 302 34.92 -8.10 -22.24
CA LYS A 302 36.32 -8.54 -22.23
C LYS A 302 37.23 -7.55 -21.50
N GLU A 303 37.01 -6.26 -21.70
CA GLU A 303 37.78 -5.19 -21.09
C GLU A 303 36.85 -4.03 -20.73
N PRO A 304 37.28 -3.16 -19.80
CA PRO A 304 36.48 -1.96 -19.47
C PRO A 304 36.74 -0.86 -20.51
N PHE A 305 36.25 -1.15 -21.71
CA PHE A 305 36.56 -0.37 -22.91
C PHE A 305 36.15 1.08 -22.83
N TRP A 306 35.12 1.36 -22.03
CA TRP A 306 34.63 2.72 -21.82
C TRP A 306 35.73 3.65 -21.25
N ARG A 307 36.61 3.10 -20.41
CA ARG A 307 37.71 3.88 -19.84
C ARG A 307 38.65 4.44 -20.90
N LYS A 308 38.84 3.71 -21.99
CA LYS A 308 39.69 4.18 -23.09
C LYS A 308 39.12 5.41 -23.82
N LYS A 309 37.81 5.64 -23.74
CA LYS A 309 37.16 6.86 -24.24
C LYS A 309 36.95 7.94 -23.18
N ASP A 310 37.61 7.77 -22.04
CA ASP A 310 37.57 8.69 -20.91
C ASP A 310 36.14 8.76 -20.35
N TYR A 311 35.48 7.60 -20.28
CA TYR A 311 34.22 7.43 -19.57
C TYR A 311 34.42 6.48 -18.40
N CYS A 312 33.92 6.82 -17.22
CA CYS A 312 34.13 5.96 -16.07
C CYS A 312 33.20 4.78 -16.03
N GLY A 313 32.07 4.86 -16.75
CA GLY A 313 31.08 3.77 -16.76
C GLY A 313 29.74 4.21 -16.19
N THR A 314 29.72 5.40 -15.58
CA THR A 314 28.50 5.99 -15.03
C THR A 314 27.70 6.61 -16.17
N MET A 315 26.46 6.19 -16.30
CA MET A 315 25.53 6.75 -17.28
C MET A 315 24.24 7.08 -16.54
N ILE A 316 23.78 8.31 -16.73
CA ILE A 316 22.52 8.81 -16.22
C ILE A 316 21.66 9.08 -17.45
N ILE A 317 20.62 8.28 -17.63
CA ILE A 317 19.92 8.17 -18.90
C ILE A 317 18.45 8.51 -18.73
N ASP A 318 18.07 9.69 -19.19
CA ASP A 318 16.73 10.25 -18.98
CA ASP A 318 16.74 10.21 -18.96
C ASP A 318 15.68 9.58 -19.86
N GLY A 319 14.41 9.67 -19.43
CA GLY A 319 13.26 9.41 -20.30
C GLY A 319 12.70 8.01 -20.26
N GLU A 320 11.79 7.75 -21.20
CA GLU A 320 10.97 6.53 -21.19
C GLU A 320 11.54 5.35 -21.96
N GLU A 321 12.12 5.60 -23.12
CA GLU A 321 12.55 4.52 -24.00
C GLU A 321 13.70 3.68 -23.41
N ALA A 322 14.60 4.31 -22.67
CA ALA A 322 15.77 3.59 -22.14
C ALA A 322 15.31 2.56 -21.10
N PRO A 323 15.69 1.28 -21.25
CA PRO A 323 15.33 0.32 -20.20
C PRO A 323 16.01 0.60 -18.85
N VAL A 324 17.25 1.09 -18.91
CA VAL A 324 18.08 1.36 -17.74
C VAL A 324 18.30 2.86 -17.65
N ALA A 325 18.02 3.45 -16.48
CA ALA A 325 18.23 4.88 -16.27
C ALA A 325 19.58 5.24 -15.63
N TYR A 326 20.29 4.25 -15.06
CA TYR A 326 21.52 4.49 -14.30
C TYR A 326 22.44 3.28 -14.32
N THR A 327 23.73 3.55 -14.58
CA THR A 327 24.75 2.54 -14.55
C THR A 327 25.95 3.01 -13.76
N LEU A 328 26.71 2.03 -13.28
CA LEU A 328 28.03 2.22 -12.69
C LEU A 328 28.97 1.13 -13.20
N ASP A 329 30.25 1.49 -13.33
CA ASP A 329 31.31 0.50 -13.57
C ASP A 329 31.30 -0.56 -12.46
N ASP A 330 31.20 -1.84 -12.82
CA ASP A 330 31.20 -2.96 -11.84
C ASP A 330 32.43 -3.87 -11.98
N THR A 331 33.42 -3.40 -12.73
CA THR A 331 34.72 -4.05 -12.90
C THR A 331 35.37 -4.29 -11.54
N LYS A 332 36.02 -5.45 -11.42
CA LYS A 332 36.71 -5.81 -10.17
C LYS A 332 37.86 -4.83 -9.92
N PRO A 333 38.29 -4.65 -8.64
CA PRO A 333 39.38 -3.70 -8.34
C PRO A 333 40.67 -4.04 -9.06
N GLU A 334 40.88 -5.31 -9.34
CA GLU A 334 42.06 -5.79 -10.06
C GLU A 334 42.04 -5.40 -11.54
N GLY A 335 40.89 -4.95 -12.06
CA GLY A 335 40.79 -4.48 -13.44
C GLY A 335 40.19 -5.52 -14.35
N ASN A 336 39.89 -6.70 -13.83
CA ASN A 336 39.32 -7.79 -14.62
C ASN A 336 37.83 -7.98 -14.31
N TYR A 337 37.22 -8.91 -15.02
CA TYR A 337 35.79 -9.15 -15.04
C TYR A 337 35.08 -7.82 -15.31
N ALA A 338 35.53 -7.14 -16.35
CA ALA A 338 34.95 -5.85 -16.75
C ALA A 338 33.44 -5.96 -16.86
N ALA A 339 32.75 -4.98 -16.33
CA ALA A 339 31.30 -5.06 -16.28
C ALA A 339 30.63 -3.71 -16.07
N ILE A 340 29.41 -3.59 -16.59
CA ILE A 340 28.53 -2.48 -16.32
C ILE A 340 27.32 -2.98 -15.52
N MET A 341 27.10 -2.38 -14.36
CA MET A 341 25.87 -2.59 -13.58
C MET A 341 24.85 -1.53 -13.98
N GLY A 342 23.63 -1.96 -14.23
CA GLY A 342 22.53 -1.04 -14.51
C GLY A 342 21.25 -1.46 -13.81
N PHE A 343 20.41 -0.47 -13.47
CA PHE A 343 19.13 -0.73 -12.84
C PHE A 343 18.01 -0.49 -13.84
N ILE A 344 17.06 -1.42 -13.88
CA ILE A 344 15.79 -1.23 -14.57
C ILE A 344 14.81 -0.88 -13.49
N LEU A 345 14.27 0.35 -13.52
CA LEU A 345 13.59 0.93 -12.34
C LEU A 345 12.07 1.06 -12.43
N ALA A 346 11.40 0.81 -11.30
CA ALA A 346 10.00 1.18 -11.10
C ALA A 346 9.12 0.56 -12.20
N HIS A 347 8.31 1.32 -12.94
CA HIS A 347 7.41 0.69 -13.93
C HIS A 347 8.14 -0.15 -14.98
N LYS A 348 9.38 0.23 -15.31
CA LYS A 348 10.14 -0.54 -16.31
C LYS A 348 10.50 -1.94 -15.84
N ALA A 349 10.65 -2.13 -14.53
CA ALA A 349 10.91 -3.46 -13.95
C ALA A 349 9.71 -4.35 -14.17
N ARG A 350 8.52 -3.75 -14.13
CA ARG A 350 7.26 -4.47 -14.40
C ARG A 350 7.14 -4.74 -15.89
N LYS A 351 7.34 -3.69 -16.70
CA LYS A 351 7.16 -3.77 -18.15
C LYS A 351 8.12 -4.75 -18.80
N LEU A 352 9.41 -4.65 -18.46
CA LEU A 352 10.45 -5.46 -19.11
C LEU A 352 10.63 -6.87 -18.53
N ALA A 353 9.96 -7.16 -17.41
CA ALA A 353 9.97 -8.52 -16.84
C ALA A 353 9.35 -9.54 -17.80
N ARG A 354 8.46 -9.08 -18.67
CA ARG A 354 7.84 -9.90 -19.74
C ARG A 354 8.85 -10.53 -20.70
N LEU A 355 10.00 -9.91 -20.87
CA LEU A 355 11.02 -10.37 -21.82
C LEU A 355 11.81 -11.55 -21.26
N THR A 356 12.57 -12.20 -22.14
CA THR A 356 13.52 -13.20 -21.70
C THR A 356 14.79 -12.49 -21.23
N LYS A 357 15.60 -13.22 -20.48
CA LYS A 357 16.94 -12.78 -20.07
C LYS A 357 17.77 -12.34 -21.29
N GLU A 358 17.73 -13.11 -22.36
CA GLU A 358 18.49 -12.81 -23.57
C GLU A 358 17.98 -11.53 -24.25
N GLU A 359 16.66 -11.34 -24.26
CA GLU A 359 16.07 -10.11 -24.78
C GLU A 359 16.44 -8.86 -23.98
N ARG A 360 16.42 -8.96 -22.65
CA ARG A 360 16.88 -7.86 -21.80
C ARG A 360 18.36 -7.56 -22.05
N LEU A 361 19.19 -8.60 -22.11
CA LEU A 361 20.62 -8.37 -22.41
C LEU A 361 20.83 -7.56 -23.70
N LYS A 362 20.04 -7.90 -24.74
CA LYS A 362 20.19 -7.28 -26.04
C LYS A 362 19.78 -5.80 -25.98
N LYS A 363 18.65 -5.52 -25.33
CA LYS A 363 18.19 -4.12 -25.18
C LYS A 363 19.18 -3.27 -24.39
N LEU A 364 19.78 -3.85 -23.35
CA LEU A 364 20.79 -3.16 -22.56
C LEU A 364 22.05 -2.87 -23.37
N CYS A 365 22.57 -3.88 -24.08
CA CYS A 365 23.76 -3.66 -24.91
C CYS A 365 23.54 -2.61 -26.00
N GLU A 366 22.36 -2.62 -26.62
CA GLU A 366 22.04 -1.64 -27.66
C GLU A 366 21.98 -0.21 -27.06
N LEU A 367 21.42 -0.12 -25.85
CA LEU A 367 21.37 1.15 -25.15
C LEU A 367 22.81 1.64 -24.84
N TYR A 368 23.62 0.77 -24.26
CA TYR A 368 24.97 1.12 -23.84
C TYR A 368 25.81 1.50 -25.07
N ALA A 369 25.64 0.79 -26.18
CA ALA A 369 26.34 1.11 -27.42
C ALA A 369 26.06 2.55 -27.86
N LYS A 370 24.78 2.95 -27.82
CA LYS A 370 24.41 4.30 -28.21
C LYS A 370 24.95 5.33 -27.21
N VAL A 371 24.75 5.09 -25.93
CA VAL A 371 25.11 6.09 -24.92
C VAL A 371 26.65 6.27 -24.90
N LEU A 372 27.38 5.16 -25.00
CA LEU A 372 28.84 5.19 -25.00
C LEU A 372 29.47 5.46 -26.38
N GLY A 373 28.63 5.56 -27.41
CA GLY A 373 29.13 5.69 -28.80
C GLY A 373 30.10 4.57 -29.15
N SER A 374 29.81 3.35 -28.67
CA SER A 374 30.77 2.26 -28.74
C SER A 374 30.17 0.95 -29.24
N LEU A 375 30.58 0.52 -30.44
CA LEU A 375 30.18 -0.81 -30.93
C LEU A 375 30.63 -1.98 -30.02
N GLU A 376 31.69 -1.81 -29.25
CA GLU A 376 32.15 -2.86 -28.35
C GLU A 376 31.07 -3.27 -27.32
N ALA A 377 30.18 -2.34 -26.97
CA ALA A 377 29.08 -2.64 -26.05
C ALA A 377 28.13 -3.73 -26.55
N LEU A 378 28.14 -4.00 -27.85
CA LEU A 378 27.34 -5.07 -28.43
C LEU A 378 28.00 -6.44 -28.31
N GLU A 379 29.16 -6.54 -27.64
CA GLU A 379 29.91 -7.81 -27.53
C GLU A 379 30.07 -8.30 -26.10
N PRO A 380 28.96 -8.50 -25.39
CA PRO A 380 29.08 -8.98 -24.03
C PRO A 380 29.62 -10.39 -23.99
N VAL A 381 30.31 -10.71 -22.90
CA VAL A 381 30.83 -12.07 -22.69
C VAL A 381 30.02 -12.87 -21.69
N HIS A 382 29.19 -12.20 -20.90
CA HIS A 382 28.42 -12.84 -19.84
C HIS A 382 27.39 -11.83 -19.31
N TYR A 383 26.36 -12.35 -18.64
CA TYR A 383 25.27 -11.53 -18.14
C TYR A 383 24.69 -12.18 -16.88
N GLU A 384 24.45 -11.37 -15.84
CA GLU A 384 23.70 -11.79 -14.65
C GLU A 384 22.64 -10.75 -14.33
N GLU A 385 21.55 -11.18 -13.74
CA GLU A 385 20.48 -10.23 -13.37
C GLU A 385 19.65 -10.82 -12.25
N LYS A 386 18.92 -9.95 -11.58
CA LYS A 386 17.97 -10.38 -10.57
C LYS A 386 16.83 -9.37 -10.49
N ASN A 387 15.62 -9.88 -10.70
CA ASN A 387 14.39 -9.10 -10.56
C ASN A 387 13.88 -9.28 -9.14
N TRP A 388 14.08 -8.26 -8.30
CA TRP A 388 13.69 -8.38 -6.89
C TRP A 388 12.17 -8.34 -6.66
N CYS A 389 11.40 -7.96 -7.68
CA CYS A 389 9.92 -7.98 -7.58
C CYS A 389 9.35 -9.39 -7.40
N GLU A 390 10.11 -10.42 -7.75
CA GLU A 390 9.59 -11.79 -7.69
C GLU A 390 9.80 -12.49 -6.35
N GLU A 391 10.49 -11.84 -5.43
CA GLU A 391 10.90 -12.43 -4.16
C GLU A 391 9.81 -12.38 -3.08
N GLN A 392 9.26 -13.56 -2.77
CA GLN A 392 8.26 -13.70 -1.69
C GLN A 392 8.75 -13.16 -0.33
N TYR A 393 10.03 -13.34 -0.02
CA TYR A 393 10.55 -12.99 1.30
C TYR A 393 11.35 -11.69 1.31
N SER A 394 11.23 -10.87 0.25
CA SER A 394 11.65 -9.46 0.23
C SER A 394 10.49 -8.51 -0.08
N GLY A 395 9.71 -8.83 -1.12
CA GLY A 395 8.58 -7.99 -1.57
C GLY A 395 8.96 -6.97 -2.62
N GLY A 396 10.25 -6.78 -2.83
CA GLY A 396 10.82 -5.78 -3.73
C GLY A 396 12.20 -5.34 -3.26
N CYS A 397 12.70 -4.28 -3.90
CA CYS A 397 13.94 -3.61 -3.49
C CYS A 397 13.90 -2.17 -4.00
N TYR A 398 14.72 -1.26 -3.45
CA TYR A 398 15.65 -1.52 -2.34
C TYR A 398 14.93 -1.62 -1.00
N THR A 399 13.85 -0.87 -0.89
CA THR A 399 13.21 -0.66 0.38
C THR A 399 11.74 -0.32 0.22
N THR A 400 11.11 -0.11 1.38
CA THR A 400 9.71 0.26 1.51
C THR A 400 9.50 1.73 1.24
N TYR A 401 8.52 2.04 0.38
CA TYR A 401 8.09 3.42 0.19
C TYR A 401 6.71 3.67 0.81
N PHE A 402 6.45 4.93 1.07
CA PHE A 402 5.19 5.35 1.69
C PHE A 402 4.39 6.15 0.68
N PRO A 403 3.21 5.65 0.29
CA PRO A 403 2.32 6.44 -0.56
C PRO A 403 1.74 7.64 0.20
N PRO A 404 1.14 8.59 -0.54
CA PRO A 404 0.64 9.78 0.16
C PRO A 404 -0.29 9.47 1.31
N GLY A 405 -0.10 10.18 2.42
CA GLY A 405 -0.99 10.09 3.55
C GLY A 405 -0.61 9.09 4.61
N ILE A 406 0.35 8.19 4.35
CA ILE A 406 0.59 7.05 5.22
C ILE A 406 1.58 7.37 6.34
N LEU A 407 2.65 8.09 6.01
CA LEU A 407 3.70 8.36 6.99
C LEU A 407 3.18 9.17 8.16
N THR A 408 2.32 10.16 7.90
CA THR A 408 1.78 10.94 9.02
C THR A 408 0.77 10.14 9.85
N GLN A 409 -0.02 9.29 9.21
CA GLN A 409 -1.08 8.58 9.91
C GLN A 409 -0.57 7.36 10.66
N TYR A 410 0.44 6.69 10.09
CA TYR A 410 0.92 5.38 10.60
C TYR A 410 2.40 5.31 10.94
N GLY A 411 3.18 6.33 10.58
CA GLY A 411 4.62 6.26 10.71
C GLY A 411 5.09 6.08 12.14
N ARG A 412 4.37 6.67 13.09
CA ARG A 412 4.79 6.58 14.50
C ARG A 412 4.80 5.15 15.05
N VAL A 413 4.06 4.22 14.43
CA VAL A 413 4.08 2.83 14.94
C VAL A 413 5.12 1.93 14.29
N LEU A 414 5.87 2.44 13.32
CA LEU A 414 6.83 1.60 12.59
C LEU A 414 7.79 0.82 13.50
N ARG A 415 8.36 1.48 14.51
CA ARG A 415 9.27 0.77 15.44
C ARG A 415 8.77 0.76 16.90
N GLN A 416 7.49 0.99 17.06
CA GLN A 416 6.83 0.85 18.36
C GLN A 416 6.73 -0.64 18.75
N PRO A 417 7.31 -1.02 19.91
CA PRO A 417 7.19 -2.43 20.31
C PRO A 417 5.74 -2.85 20.49
N VAL A 418 5.48 -4.12 20.21
CA VAL A 418 4.17 -4.71 20.42
C VAL A 418 4.37 -5.78 21.49
N ASP A 419 4.06 -5.39 22.73
CA ASP A 419 4.31 -6.21 23.91
C ASP A 419 5.79 -6.62 23.95
N ARG A 420 6.15 -7.85 23.59
CA ARG A 420 7.55 -8.32 23.64
C ARG A 420 8.21 -8.48 22.26
N ILE A 421 7.53 -7.95 21.23
CA ILE A 421 8.09 -7.88 19.89
C ILE A 421 8.67 -6.48 19.68
N TYR A 422 9.95 -6.44 19.27
CA TYR A 422 10.67 -5.22 18.95
C TYR A 422 10.99 -5.27 17.46
N PHE A 423 11.15 -4.10 16.85
CA PHE A 423 11.26 -4.04 15.38
C PHE A 423 12.60 -3.54 14.90
N ALA A 424 13.30 -4.39 14.16
CA ALA A 424 14.53 -4.02 13.49
C ALA A 424 14.20 -3.80 11.99
N GLY A 425 15.16 -4.00 11.11
CA GLY A 425 15.00 -3.82 9.68
C GLY A 425 15.37 -2.44 9.26
N THR A 426 15.96 -2.31 8.08
CA THR A 426 16.46 -1.02 7.65
C THR A 426 15.37 0.07 7.63
N GLU A 427 14.13 -0.33 7.38
CA GLU A 427 12.99 0.59 7.34
C GLU A 427 12.78 1.36 8.63
N THR A 428 13.26 0.83 9.76
CA THR A 428 13.11 1.47 11.07
C THR A 428 14.30 2.33 11.48
N ALA A 429 15.33 2.42 10.62
CA ALA A 429 16.49 3.27 10.90
C ALA A 429 16.19 4.76 10.79
N THR A 430 17.02 5.58 11.44
CA THR A 430 16.92 7.03 11.34
C THR A 430 18.07 7.68 10.55
N HIS A 431 19.05 6.88 10.13
CA HIS A 431 20.19 7.34 9.33
C HIS A 431 20.50 6.22 8.32
N TRP A 432 20.39 6.56 7.03
CA TRP A 432 20.49 5.62 5.93
C TRP A 432 19.50 4.45 6.05
N SER A 433 18.30 4.75 6.53
CA SER A 433 17.17 3.85 6.30
C SER A 433 17.07 3.56 4.80
N GLY A 434 16.81 2.29 4.48
CA GLY A 434 16.76 1.80 3.11
C GLY A 434 18.04 1.07 2.69
N TYR A 435 19.11 1.29 3.45
CA TYR A 435 20.45 0.82 3.14
C TYR A 435 20.96 -0.24 4.14
N MET A 436 22.08 -0.85 3.78
CA MET A 436 22.77 -1.79 4.68
C MET A 436 23.13 -1.09 5.99
N GLU A 437 23.57 0.16 5.93
CA GLU A 437 23.82 0.97 7.13
C GLU A 437 22.64 1.02 8.06
N GLY A 438 21.47 1.35 7.52
CA GLY A 438 20.26 1.42 8.32
C GLY A 438 19.89 0.07 8.91
N ALA A 439 20.14 -1.01 8.18
CA ALA A 439 19.91 -2.35 8.72
C ALA A 439 20.74 -2.59 9.99
N VAL A 440 22.01 -2.16 9.98
CA VAL A 440 22.86 -2.31 11.18
C VAL A 440 22.34 -1.43 12.31
N GLU A 441 22.03 -0.16 12.01
CA GLU A 441 21.52 0.76 13.05
C GLU A 441 20.29 0.17 13.75
N ALA A 442 19.35 -0.28 12.95
CA ALA A 442 18.06 -0.78 13.47
C ALA A 442 18.20 -2.10 14.22
N GLY A 443 19.03 -2.99 13.71
CA GLY A 443 19.23 -4.28 14.37
C GLY A 443 19.87 -4.12 15.74
N GLU A 444 20.89 -3.27 15.78
CA GLU A 444 21.59 -3.02 17.04
C GLU A 444 20.73 -2.25 18.04
N ARG A 445 19.94 -1.29 17.55
CA ARG A 445 19.03 -0.52 18.40
C ARG A 445 17.93 -1.43 18.96
N ALA A 446 17.34 -2.29 18.14
CA ALA A 446 16.31 -3.23 18.61
C ALA A 446 16.88 -4.17 19.68
N ALA A 447 18.11 -4.67 19.43
CA ALA A 447 18.79 -5.54 20.39
C ALA A 447 18.98 -4.83 21.73
N ARG A 448 19.45 -3.59 21.69
CA ARG A 448 19.58 -2.79 22.93
C ARG A 448 18.25 -2.44 23.62
N GLU A 449 17.18 -2.26 22.85
CA GLU A 449 15.84 -2.12 23.46
C GLU A 449 15.52 -3.30 24.37
N ILE A 450 15.81 -4.51 23.88
CA ILE A 450 15.62 -5.73 24.66
C ILE A 450 16.58 -5.77 25.87
N LEU A 451 17.84 -5.42 25.67
CA LEU A 451 18.79 -5.36 26.79
C LEU A 451 18.29 -4.40 27.87
N HIS A 452 17.69 -3.29 27.44
CA HIS A 452 17.12 -2.34 28.40
C HIS A 452 15.90 -2.93 29.11
N ALA A 453 15.02 -3.59 28.36
CA ALA A 453 13.84 -4.25 28.93
C ALA A 453 14.23 -5.28 29.98
N MET A 454 15.37 -5.95 29.76
CA MET A 454 15.88 -6.92 30.72
C MET A 454 16.68 -6.33 31.90
N GLY A 455 16.82 -5.00 31.96
CA GLY A 455 17.57 -4.33 33.02
C GLY A 455 19.09 -4.43 32.92
N LYS A 456 19.62 -4.80 31.76
CA LYS A 456 21.07 -4.96 31.55
C LYS A 456 21.79 -3.69 31.17
N ILE A 457 21.07 -2.70 30.61
CA ILE A 457 21.63 -1.38 30.24
C ILE A 457 20.60 -0.30 30.54
N PRO A 458 21.07 0.93 30.82
CA PRO A 458 20.14 2.04 31.07
C PRO A 458 19.53 2.53 29.75
N GLU A 459 18.47 3.34 29.85
CA GLU A 459 17.71 3.81 28.68
C GLU A 459 18.55 4.62 27.68
N ASP A 460 19.45 5.45 28.19
CA ASP A 460 20.33 6.27 27.35
C ASP A 460 21.36 5.48 26.54
N GLU A 461 21.45 4.16 26.72
CA GLU A 461 22.29 3.31 25.90
C GLU A 461 21.54 2.60 24.76
N ILE A 462 20.22 2.82 24.63
CA ILE A 462 19.45 2.18 23.55
C ILE A 462 19.92 2.71 22.18
N TRP A 463 20.00 4.03 22.06
CA TRP A 463 20.51 4.70 20.84
C TRP A 463 21.95 5.08 21.10
N GLN A 464 22.86 4.63 20.24
CA GLN A 464 24.30 4.76 20.45
C GLN A 464 24.92 5.37 19.19
N SER A 465 25.66 6.47 19.38
CA SER A 465 26.43 7.08 18.29
C SER A 465 27.52 6.13 17.79
N GLU A 466 28.00 6.36 16.57
CA GLU A 466 29.04 5.52 15.97
C GLU A 466 30.25 6.36 15.62
N PRO A 467 31.46 5.94 16.06
CA PRO A 467 32.66 6.69 15.66
C PRO A 467 32.88 6.67 14.14
N GLU A 468 33.38 7.79 13.60
CA GLU A 468 33.67 7.88 12.18
C GLU A 468 34.73 6.85 11.78
N SER A 469 34.49 6.17 10.66
CA SER A 469 35.47 5.26 10.07
C SER A 469 36.78 6.01 9.79
N VAL A 470 37.90 5.40 10.16
CA VAL A 470 39.22 5.95 9.85
C VAL A 470 39.61 5.59 8.41
N ASP A 471 38.95 4.59 7.85
CA ASP A 471 39.23 4.12 6.49
C ASP A 471 38.44 4.86 5.41
N VAL A 472 37.24 5.31 5.77
CA VAL A 472 36.35 5.99 4.83
C VAL A 472 35.93 7.31 5.45
N PRO A 473 36.84 8.29 5.46
CA PRO A 473 36.53 9.61 6.02
C PRO A 473 35.48 10.33 5.18
N ALA A 474 34.62 11.09 5.84
CA ALA A 474 33.56 11.84 5.17
C ALA A 474 33.95 13.30 5.00
N GLN A 475 34.10 13.71 3.74
CA GLN A 475 34.23 15.13 3.42
C GLN A 475 32.87 15.78 3.68
N PRO A 476 32.86 16.98 4.26
CA PRO A 476 31.61 17.67 4.51
C PRO A 476 30.90 18.05 3.21
N ILE A 477 29.60 18.23 3.30
CA ILE A 477 28.81 18.75 2.19
C ILE A 477 28.87 20.27 2.27
N THR A 478 29.29 20.91 1.20
CA THR A 478 29.47 22.36 1.16
C THR A 478 28.69 22.92 -0.02
N THR A 479 28.32 24.19 0.10
CA THR A 479 27.70 24.96 -0.98
C THR A 479 28.52 26.22 -1.25
N THR A 480 28.38 26.77 -2.46
CA THR A 480 28.98 28.06 -2.81
C THR A 480 27.97 29.17 -2.54
N PHE A 481 28.47 30.40 -2.48
CA PHE A 481 27.63 31.59 -2.31
C PHE A 481 26.53 31.68 -3.36
N LEU A 482 26.88 31.45 -4.62
CA LEU A 482 25.93 31.53 -5.72
C LEU A 482 24.85 30.45 -5.62
N GLU A 483 25.27 29.23 -5.27
CA GLU A 483 24.35 28.12 -5.06
C GLU A 483 23.32 28.46 -3.99
N ARG A 484 23.78 29.05 -2.89
CA ARG A 484 22.87 29.45 -1.81
C ARG A 484 21.94 30.60 -2.17
N HIS A 485 22.41 31.57 -2.96
CA HIS A 485 21.66 32.82 -3.14
C HIS A 485 21.08 33.10 -4.53
N LEU A 486 21.45 32.33 -5.56
CA LEU A 486 20.86 32.54 -6.89
C LEU A 486 19.36 32.32 -6.82
N PRO A 487 18.60 33.16 -7.52
CA PRO A 487 17.15 33.03 -7.44
C PRO A 487 16.64 31.79 -8.16
N SER A 488 15.44 31.35 -7.75
CA SER A 488 14.69 30.38 -8.52
C SER A 488 14.16 31.09 -9.76
N VAL A 489 13.53 30.33 -10.64
CA VAL A 489 12.90 30.92 -11.81
C VAL A 489 11.78 31.88 -11.38
N PRO A 490 10.88 31.46 -10.49
CA PRO A 490 9.86 32.44 -10.06
C PRO A 490 10.44 33.63 -9.29
N GLY A 491 11.48 33.39 -8.51
CA GLY A 491 12.27 34.46 -7.88
C GLY A 491 12.81 35.48 -8.88
N LEU A 492 13.38 34.99 -9.99
CA LEU A 492 13.87 35.88 -11.05
C LEU A 492 12.72 36.67 -11.68
N LEU A 493 11.62 36.00 -11.97
CA LEU A 493 10.44 36.65 -12.56
C LEU A 493 9.88 37.75 -11.64
N ARG A 494 9.85 37.48 -10.34
CA ARG A 494 9.47 38.49 -9.35
C ARG A 494 10.41 39.70 -9.37
N LEU A 495 11.72 39.44 -9.43
CA LEU A 495 12.71 40.51 -9.60
C LEU A 495 12.49 41.34 -10.89
N ILE A 496 12.13 40.67 -11.98
CA ILE A 496 11.80 41.35 -13.25
C ILE A 496 10.56 42.24 -13.13
N GLY A 497 9.48 41.70 -12.57
CA GLY A 497 8.26 42.46 -12.33
C GLY A 497 8.46 43.68 -11.45
N LEU A 498 9.24 43.52 -10.38
CA LEU A 498 9.55 44.62 -9.44
C LEU A 498 10.33 45.76 -10.10
N THR A 499 11.35 45.41 -10.90
CA THR A 499 12.18 46.41 -11.58
C THR A 499 11.35 47.25 -12.57
N THR A 500 10.57 46.55 -13.38
CA THR A 500 9.68 47.20 -14.36
C THR A 500 8.38 47.68 -13.67
N ILE A 501 8.53 48.71 -12.83
CA ILE A 501 7.43 49.24 -11.99
C ILE A 501 7.84 50.61 -11.43
N ASN B 3 -10.23 -33.33 4.64
CA ASN B 3 -9.01 -33.84 3.92
C ASN B 3 -9.16 -33.70 2.38
N LYS B 4 -9.77 -34.67 1.68
CA LYS B 4 -9.81 -34.65 0.21
C LYS B 4 -11.15 -34.09 -0.28
N CYS B 5 -11.12 -33.19 -1.25
CA CYS B 5 -12.36 -32.64 -1.82
C CYS B 5 -12.11 -32.12 -3.24
N ASP B 6 -13.16 -31.63 -3.90
CA ASP B 6 -13.02 -31.06 -5.26
C ASP B 6 -12.48 -29.61 -5.23
N VAL B 7 -13.05 -28.77 -4.36
CA VAL B 7 -12.65 -27.36 -4.30
C VAL B 7 -12.57 -26.90 -2.84
N VAL B 8 -11.45 -26.28 -2.49
CA VAL B 8 -11.26 -25.59 -1.23
C VAL B 8 -11.55 -24.11 -1.49
N VAL B 9 -12.43 -23.53 -0.69
CA VAL B 9 -12.74 -22.09 -0.74
C VAL B 9 -12.11 -21.50 0.50
N VAL B 10 -11.17 -20.56 0.29
CA VAL B 10 -10.53 -19.86 1.39
C VAL B 10 -11.34 -18.60 1.70
N GLY B 11 -11.93 -18.56 2.88
CA GLY B 11 -12.81 -17.46 3.30
C GLY B 11 -14.30 -17.78 3.22
N GLY B 12 -14.99 -17.60 4.34
CA GLY B 12 -16.43 -17.79 4.46
C GLY B 12 -17.20 -16.50 4.66
N GLY B 13 -16.81 -15.46 3.91
CA GLY B 13 -17.65 -14.29 3.71
C GLY B 13 -18.69 -14.57 2.67
N ILE B 14 -19.46 -13.56 2.30
CA ILE B 14 -20.48 -13.73 1.26
C ILE B 14 -19.89 -14.29 -0.02
N SER B 15 -18.72 -13.84 -0.42
CA SER B 15 -18.17 -14.27 -1.70
C SER B 15 -17.83 -15.75 -1.68
N GLY B 16 -17.08 -16.18 -0.66
CA GLY B 16 -16.68 -17.58 -0.51
C GLY B 16 -17.90 -18.48 -0.35
N MET B 17 -18.86 -18.05 0.46
CA MET B 17 -20.10 -18.80 0.64
C MET B 17 -20.92 -18.94 -0.63
N ALA B 18 -21.04 -17.85 -1.40
CA ALA B 18 -21.76 -17.88 -2.66
C ALA B 18 -21.09 -18.83 -3.65
N ALA B 19 -19.76 -18.78 -3.71
CA ALA B 19 -18.98 -19.70 -4.58
C ALA B 19 -19.18 -21.15 -4.13
N ALA B 20 -19.06 -21.40 -2.84
CA ALA B 20 -19.20 -22.77 -2.33
C ALA B 20 -20.58 -23.32 -2.53
N LYS B 21 -21.59 -22.51 -2.29
CA LYS B 21 -22.98 -22.91 -2.58
C LYS B 21 -23.15 -23.29 -4.05
N LEU B 22 -22.65 -22.46 -4.96
CA LEU B 22 -22.82 -22.79 -6.39
C LEU B 22 -22.15 -24.14 -6.75
N LEU B 23 -20.95 -24.35 -6.26
CA LEU B 23 -20.19 -25.57 -6.53
C LEU B 23 -20.89 -26.80 -5.93
N HIS B 24 -21.31 -26.65 -4.68
CA HIS B 24 -22.10 -27.67 -3.96
C HIS B 24 -23.38 -28.02 -4.72
N ASP B 25 -24.13 -27.02 -5.17
CA ASP B 25 -25.39 -27.22 -5.88
C ASP B 25 -25.18 -27.93 -7.22
N SER B 26 -23.98 -27.76 -7.80
CA SER B 26 -23.64 -28.46 -9.05
C SER B 26 -23.11 -29.89 -8.78
N GLY B 27 -22.97 -30.29 -7.53
CA GLY B 27 -22.62 -31.67 -7.16
C GLY B 27 -21.15 -31.89 -6.81
N LEU B 28 -20.36 -30.82 -6.67
CA LEU B 28 -18.98 -31.00 -6.25
C LEU B 28 -18.87 -31.01 -4.73
N ASN B 29 -17.79 -31.63 -4.22
CA ASN B 29 -17.52 -31.64 -2.80
C ASN B 29 -16.65 -30.43 -2.46
N VAL B 30 -17.21 -29.52 -1.67
CA VAL B 30 -16.53 -28.27 -1.33
C VAL B 30 -16.23 -28.24 0.15
N VAL B 31 -15.14 -27.56 0.50
CA VAL B 31 -14.82 -27.25 1.87
C VAL B 31 -14.56 -25.75 1.91
N VAL B 32 -15.08 -25.09 2.95
CA VAL B 32 -14.80 -23.68 3.19
C VAL B 32 -13.91 -23.59 4.41
N LEU B 33 -12.74 -22.96 4.26
CA LEU B 33 -11.82 -22.77 5.35
C LEU B 33 -11.92 -21.30 5.77
N GLU B 34 -12.43 -21.07 6.97
CA GLU B 34 -12.66 -19.73 7.52
C GLU B 34 -11.75 -19.51 8.73
N ALA B 35 -11.01 -18.41 8.71
CA ALA B 35 -10.08 -18.09 9.77
C ALA B 35 -10.73 -17.81 11.11
N ARG B 36 -11.87 -17.12 11.11
CA ARG B 36 -12.50 -16.70 12.35
C ARG B 36 -13.36 -17.82 12.93
N ASP B 37 -13.83 -17.59 14.15
CA ASP B 37 -14.84 -18.44 14.79
C ASP B 37 -16.28 -18.13 14.32
N ARG B 38 -16.43 -17.35 13.25
CA ARG B 38 -17.71 -17.05 12.66
C ARG B 38 -17.58 -16.88 11.15
N VAL B 39 -18.70 -17.00 10.47
CA VAL B 39 -18.79 -16.67 9.06
C VAL B 39 -19.28 -15.23 8.89
N GLY B 40 -19.19 -14.74 7.65
CA GLY B 40 -19.75 -13.42 7.30
C GLY B 40 -18.70 -12.36 6.98
N GLY B 41 -17.54 -12.45 7.59
CA GLY B 41 -16.42 -11.56 7.23
C GLY B 41 -16.70 -10.10 7.53
N ARG B 42 -16.79 -9.28 6.47
CA ARG B 42 -17.07 -7.84 6.61
C ARG B 42 -18.56 -7.55 6.83
N THR B 43 -19.38 -8.59 6.81
CA THR B 43 -20.69 -8.55 7.44
C THR B 43 -20.66 -9.24 8.80
N TYR B 44 -21.40 -8.68 9.74
CA TYR B 44 -21.45 -9.20 11.11
C TYR B 44 -22.73 -8.66 11.74
N THR B 45 -23.66 -9.54 12.06
CA THR B 45 -24.91 -9.15 12.69
C THR B 45 -24.87 -9.58 14.16
N LEU B 46 -24.92 -8.62 15.08
CA LEU B 46 -24.92 -8.90 16.53
C LEU B 46 -26.37 -8.98 16.99
N ARG B 47 -26.71 -9.98 17.82
CA ARG B 47 -28.04 -10.08 18.40
C ARG B 47 -27.93 -9.92 19.91
N ASN B 48 -28.82 -9.10 20.48
CA ASN B 48 -29.04 -9.03 21.96
C ASN B 48 -30.39 -8.40 22.21
N GLN B 49 -30.85 -8.43 23.47
CA GLN B 49 -32.18 -8.00 23.78
C GLN B 49 -32.34 -6.50 23.52
N LYS B 50 -31.29 -5.74 23.72
CA LYS B 50 -31.38 -4.28 23.61
C LYS B 50 -31.58 -3.80 22.18
N VAL B 51 -30.98 -4.49 21.22
CA VAL B 51 -31.01 -4.11 19.79
C VAL B 51 -31.86 -5.03 18.93
N LYS B 52 -32.22 -6.20 19.46
CA LYS B 52 -32.75 -7.35 18.71
C LYS B 52 -31.68 -7.91 17.78
N TYR B 53 -31.39 -7.18 16.72
CA TYR B 53 -30.24 -7.47 15.85
C TYR B 53 -29.70 -6.16 15.34
N VAL B 54 -28.42 -6.13 15.00
CA VAL B 54 -27.82 -4.95 14.36
C VAL B 54 -26.67 -5.35 13.44
N ASP B 55 -26.66 -4.79 12.24
CA ASP B 55 -25.54 -4.96 11.33
C ASP B 55 -24.42 -4.01 11.73
N LEU B 56 -23.29 -4.59 12.18
CA LEU B 56 -22.10 -3.84 12.50
C LEU B 56 -21.11 -3.77 11.35
N GLY B 57 -21.31 -4.63 10.34
CA GLY B 57 -20.60 -4.56 9.08
C GLY B 57 -21.54 -4.13 7.98
N GLY B 58 -21.32 -4.68 6.79
CA GLY B 58 -22.17 -4.38 5.66
C GLY B 58 -23.65 -4.64 5.91
N SER B 59 -24.50 -3.73 5.44
CA SER B 59 -25.94 -3.78 5.70
C SER B 59 -26.87 -3.50 4.52
N TYR B 60 -26.57 -2.44 3.78
CA TYR B 60 -27.48 -1.89 2.78
C TYR B 60 -27.42 -2.65 1.45
N VAL B 61 -28.61 -2.82 0.89
CA VAL B 61 -28.77 -3.28 -0.48
C VAL B 61 -29.78 -2.39 -1.17
N GLY B 62 -29.77 -2.41 -2.49
CA GLY B 62 -30.68 -1.57 -3.21
C GLY B 62 -30.88 -1.96 -4.65
N PRO B 63 -31.68 -1.16 -5.37
CA PRO B 63 -31.93 -1.50 -6.77
C PRO B 63 -30.67 -1.61 -7.61
N THR B 64 -30.72 -2.52 -8.57
CA THR B 64 -29.61 -2.93 -9.46
C THR B 64 -28.64 -3.91 -8.82
N GLN B 65 -28.81 -4.24 -7.54
CA GLN B 65 -27.97 -5.25 -6.88
C GLN B 65 -28.74 -6.57 -6.89
N ASN B 66 -28.92 -7.13 -8.08
CA ASN B 66 -29.88 -8.24 -8.23
C ASN B 66 -29.37 -9.57 -7.75
N ARG B 67 -28.06 -9.74 -7.73
CA ARG B 67 -27.47 -11.00 -7.29
C ARG B 67 -27.61 -11.24 -5.78
N ILE B 68 -27.24 -10.24 -4.99
CA ILE B 68 -27.40 -10.35 -3.54
C ILE B 68 -28.88 -10.50 -3.17
N LEU B 69 -29.74 -9.78 -3.88
CA LEU B 69 -31.17 -9.86 -3.60
C LEU B 69 -31.74 -11.26 -3.93
N ARG B 70 -31.29 -11.83 -5.03
CA ARG B 70 -31.72 -13.20 -5.44
C ARG B 70 -31.21 -14.26 -4.45
N LEU B 71 -29.93 -14.16 -4.07
CA LEU B 71 -29.33 -15.11 -3.14
C LEU B 71 -30.03 -15.06 -1.79
N ALA B 72 -30.20 -13.84 -1.26
CA ALA B 72 -30.87 -13.65 0.01
C ALA B 72 -32.32 -14.17 -0.02
N LYS B 73 -33.05 -13.86 -1.11
CA LYS B 73 -34.43 -14.32 -1.24
C LYS B 73 -34.50 -15.85 -1.25
N GLU B 74 -33.56 -16.50 -1.95
CA GLU B 74 -33.51 -17.96 -1.97
C GLU B 74 -33.29 -18.57 -0.59
N LEU B 75 -32.49 -17.88 0.22
CA LEU B 75 -32.19 -18.31 1.59
C LEU B 75 -33.29 -17.95 2.59
N GLY B 76 -34.35 -17.29 2.12
CA GLY B 76 -35.54 -17.02 2.92
C GLY B 76 -35.54 -15.64 3.59
N LEU B 77 -34.66 -14.74 3.15
CA LEU B 77 -34.59 -13.39 3.70
C LEU B 77 -35.52 -12.40 3.02
N GLU B 78 -35.86 -11.34 3.74
CA GLU B 78 -36.73 -10.27 3.28
C GLU B 78 -35.99 -8.97 3.54
N THR B 79 -36.34 -7.93 2.78
CA THR B 79 -35.81 -6.58 3.03
C THR B 79 -36.88 -5.63 3.57
N TYR B 80 -36.41 -4.52 4.12
CA TYR B 80 -37.26 -3.39 4.46
C TYR B 80 -36.51 -2.13 4.08
N LYS B 81 -37.26 -1.04 3.92
CA LYS B 81 -36.71 0.21 3.44
C LYS B 81 -36.14 1.04 4.56
N VAL B 82 -34.94 1.56 4.32
CA VAL B 82 -34.30 2.51 5.21
C VAL B 82 -35.18 3.76 5.21
N ASN B 83 -35.43 4.32 6.39
CA ASN B 83 -36.39 5.43 6.45
C ASN B 83 -35.90 6.67 5.75
N GLU B 84 -36.62 7.10 4.71
CA GLU B 84 -36.33 8.35 4.01
C GLU B 84 -37.62 9.12 3.67
N VAL B 85 -38.61 9.04 4.56
CA VAL B 85 -39.90 9.67 4.33
C VAL B 85 -39.78 11.20 4.51
N GLU B 86 -39.12 11.61 5.59
CA GLU B 86 -39.01 13.01 5.95
C GLU B 86 -37.74 13.64 5.36
N ARG B 87 -37.35 14.82 5.84
CA ARG B 87 -36.29 15.57 5.19
C ARG B 87 -34.91 15.08 5.61
N LEU B 88 -33.97 15.18 4.68
CA LEU B 88 -32.56 14.93 4.92
C LEU B 88 -31.99 16.24 5.48
N ILE B 89 -30.85 16.15 6.15
CA ILE B 89 -30.17 17.36 6.65
C ILE B 89 -28.78 17.47 6.07
N HIS B 90 -28.44 18.65 5.53
CA HIS B 90 -27.05 18.99 5.28
C HIS B 90 -26.63 20.02 6.32
N HIS B 91 -25.63 19.70 7.16
CA HIS B 91 -25.17 20.59 8.22
C HIS B 91 -23.86 21.23 7.75
N VAL B 92 -23.89 22.53 7.56
CA VAL B 92 -22.80 23.30 6.92
C VAL B 92 -22.54 24.53 7.79
N LYS B 93 -21.26 24.76 8.11
CA LYS B 93 -20.82 25.93 8.90
C LYS B 93 -21.70 26.17 10.13
N GLY B 94 -21.92 25.09 10.89
CA GLY B 94 -22.66 25.14 12.13
C GLY B 94 -24.18 25.25 12.10
N LYS B 95 -24.81 25.03 10.94
CA LYS B 95 -26.25 25.14 10.80
C LYS B 95 -26.82 24.00 9.95
N SER B 96 -28.00 23.52 10.35
CA SER B 96 -28.68 22.46 9.62
C SER B 96 -29.62 23.03 8.55
N TYR B 97 -29.45 22.52 7.33
CA TYR B 97 -30.25 22.87 6.18
C TYR B 97 -31.03 21.66 5.69
N PRO B 98 -32.31 21.58 6.01
CA PRO B 98 -33.06 20.41 5.55
C PRO B 98 -33.33 20.44 4.06
N PHE B 99 -33.40 19.27 3.46
CA PHE B 99 -33.66 19.14 2.03
C PHE B 99 -34.32 17.82 1.66
N ARG B 100 -34.77 17.75 0.41
CA ARG B 100 -35.29 16.53 -0.21
C ARG B 100 -34.57 16.26 -1.51
N GLY B 101 -34.60 15.00 -1.95
CA GLY B 101 -33.87 14.58 -3.16
C GLY B 101 -32.49 14.16 -2.72
N PRO B 102 -31.75 13.46 -3.59
CA PRO B 102 -30.50 12.85 -3.14
C PRO B 102 -29.30 13.78 -2.97
N PHE B 103 -29.22 14.83 -3.79
CA PHE B 103 -28.06 15.75 -3.82
C PHE B 103 -28.33 16.93 -2.90
N PRO B 104 -27.42 17.21 -1.94
CA PRO B 104 -27.62 18.38 -1.10
C PRO B 104 -27.60 19.65 -1.95
N PRO B 105 -28.65 20.48 -1.90
CA PRO B 105 -28.76 21.64 -2.79
C PRO B 105 -27.98 22.88 -2.31
N VAL B 106 -27.75 23.80 -3.23
CA VAL B 106 -27.13 25.09 -2.92
C VAL B 106 -27.89 26.18 -3.64
N TRP B 107 -27.74 27.39 -3.13
CA TRP B 107 -28.50 28.55 -3.61
C TRP B 107 -27.66 29.62 -4.29
N ASN B 108 -26.41 29.79 -3.90
CA ASN B 108 -25.54 30.76 -4.54
C ASN B 108 -25.32 30.33 -6.01
N PRO B 109 -25.51 31.24 -6.98
CA PRO B 109 -25.41 30.85 -8.40
C PRO B 109 -24.05 30.26 -8.80
N ILE B 110 -22.96 30.79 -8.25
CA ILE B 110 -21.62 30.31 -8.60
C ILE B 110 -21.40 28.93 -7.98
N THR B 111 -21.74 28.80 -6.71
CA THR B 111 -21.66 27.52 -6.01
C THR B 111 -22.56 26.48 -6.69
N TYR B 112 -23.76 26.90 -7.10
CA TYR B 112 -24.64 26.02 -7.87
C TYR B 112 -23.97 25.45 -9.13
N LEU B 113 -23.38 26.32 -9.94
CA LEU B 113 -22.71 25.85 -11.16
C LEU B 113 -21.56 24.89 -10.82
N ASP B 114 -20.82 25.19 -9.75
CA ASP B 114 -19.65 24.42 -9.34
C ASP B 114 -20.07 23.02 -8.85
N HIS B 115 -21.12 22.96 -8.01
CA HIS B 115 -21.64 21.68 -7.51
C HIS B 115 -22.18 20.85 -8.68
N ASN B 116 -23.00 21.47 -9.53
CA ASN B 116 -23.58 20.79 -10.66
C ASN B 116 -22.49 20.18 -11.54
N ASN B 117 -21.47 20.98 -11.84
CA ASN B 117 -20.37 20.52 -12.66
C ASN B 117 -19.58 19.41 -12.01
N PHE B 118 -19.42 19.46 -10.69
CA PHE B 118 -18.65 18.43 -10.00
C PHE B 118 -19.26 17.04 -10.19
N TRP B 119 -20.54 16.91 -9.84
CA TRP B 119 -21.22 15.62 -9.95
C TRP B 119 -21.27 15.16 -11.39
N ARG B 120 -21.57 16.10 -12.29
CA ARG B 120 -21.70 15.79 -13.70
C ARG B 120 -20.38 15.30 -14.26
N THR B 121 -19.29 15.95 -13.85
CA THR B 121 -17.96 15.56 -14.30
C THR B 121 -17.55 14.18 -13.83
N MET B 122 -17.89 13.80 -12.60
CA MET B 122 -17.58 12.43 -12.13
C MET B 122 -18.20 11.37 -13.08
N ASP B 123 -19.45 11.59 -13.47
CA ASP B 123 -20.15 10.69 -14.38
C ASP B 123 -19.62 10.79 -15.83
N ASP B 124 -19.29 11.99 -16.29
CA ASP B 124 -18.70 12.15 -17.63
C ASP B 124 -17.42 11.32 -17.75
N MET B 125 -16.55 11.42 -16.74
CA MET B 125 -15.27 10.72 -16.74
C MET B 125 -15.49 9.24 -16.67
N GLY B 126 -16.46 8.83 -15.84
CA GLY B 126 -16.80 7.42 -15.72
C GLY B 126 -17.24 6.74 -17.01
N ARG B 127 -17.88 7.48 -17.89
CA ARG B 127 -18.36 6.90 -19.14
C ARG B 127 -17.24 6.41 -20.02
N GLU B 128 -16.02 6.89 -19.78
CA GLU B 128 -14.85 6.42 -20.54
C GLU B 128 -14.04 5.31 -19.84
N ILE B 129 -14.55 4.78 -18.73
CA ILE B 129 -13.81 3.77 -17.96
C ILE B 129 -14.57 2.42 -18.03
N PRO B 130 -14.00 1.42 -18.72
CA PRO B 130 -14.68 0.12 -18.80
C PRO B 130 -14.78 -0.53 -17.42
N SER B 131 -15.96 -0.97 -17.03
CA SER B 131 -16.14 -1.62 -15.73
C SER B 131 -15.25 -2.83 -15.52
N ASP B 132 -15.06 -3.62 -16.58
CA ASP B 132 -14.26 -4.83 -16.50
C ASP B 132 -12.77 -4.63 -16.77
N ALA B 133 -12.36 -3.38 -17.00
CA ALA B 133 -10.96 -3.10 -17.36
C ALA B 133 -10.71 -1.60 -17.26
N PRO B 134 -10.71 -1.06 -16.02
CA PRO B 134 -10.50 0.39 -15.92
C PRO B 134 -9.16 0.89 -16.45
N TRP B 135 -8.14 0.05 -16.41
CA TRP B 135 -6.80 0.34 -17.00
C TRP B 135 -6.85 0.54 -18.52
N LYS B 136 -7.97 0.20 -19.17
CA LYS B 136 -8.17 0.49 -20.60
C LYS B 136 -8.88 1.82 -20.87
N ALA B 137 -9.16 2.62 -19.84
CA ALA B 137 -9.67 3.95 -20.10
C ALA B 137 -8.68 4.71 -21.00
N PRO B 138 -9.20 5.53 -21.93
CA PRO B 138 -8.30 6.30 -22.80
C PRO B 138 -7.26 7.14 -22.06
N LEU B 139 -7.64 7.76 -20.93
CA LEU B 139 -6.70 8.53 -20.11
C LEU B 139 -6.28 7.79 -18.83
N ALA B 140 -6.20 6.46 -18.91
CA ALA B 140 -5.96 5.65 -17.71
C ALA B 140 -4.72 6.11 -16.94
N GLU B 141 -3.61 6.29 -17.65
CA GLU B 141 -2.36 6.69 -16.99
C GLU B 141 -2.47 8.06 -16.35
N GLU B 142 -2.96 9.02 -17.12
CA GLU B 142 -3.14 10.38 -16.61
C GLU B 142 -4.01 10.43 -15.34
N TRP B 143 -5.13 9.73 -15.39
CA TRP B 143 -6.04 9.71 -14.23
C TRP B 143 -5.51 8.84 -13.07
N ASP B 144 -4.81 7.75 -13.39
CA ASP B 144 -4.27 6.90 -12.30
C ASP B 144 -3.08 7.56 -11.55
N ASN B 145 -2.42 8.52 -12.19
CA ASN B 145 -1.22 9.15 -11.65
C ASN B 145 -1.53 10.40 -10.87
N MET B 146 -2.81 10.66 -10.62
CA MET B 146 -3.20 11.75 -9.75
C MET B 146 -4.10 11.18 -8.67
N THR B 147 -4.11 11.84 -7.53
CA THR B 147 -5.05 11.48 -6.48
C THR B 147 -6.40 12.16 -6.66
N MET B 148 -7.42 11.70 -5.93
CA MET B 148 -8.69 12.44 -5.92
C MET B 148 -8.52 13.85 -5.36
N LYS B 149 -7.57 14.06 -4.46
CA LYS B 149 -7.31 15.42 -3.94
C LYS B 149 -6.90 16.36 -5.07
N GLU B 150 -5.96 15.92 -5.89
CA GLU B 150 -5.54 16.71 -7.05
C GLU B 150 -6.67 17.00 -8.01
N LEU B 151 -7.48 15.96 -8.29
CA LEU B 151 -8.64 16.14 -9.19
C LEU B 151 -9.63 17.17 -8.62
N LEU B 152 -9.96 17.04 -7.33
CA LEU B 152 -10.90 17.96 -6.68
C LEU B 152 -10.34 19.37 -6.61
N ASP B 153 -9.05 19.50 -6.32
CA ASP B 153 -8.44 20.84 -6.30
C ASP B 153 -8.55 21.51 -7.66
N LYS B 154 -8.42 20.74 -8.73
CA LYS B 154 -8.59 21.26 -10.09
C LYS B 154 -10.05 21.62 -10.43
N LEU B 155 -10.96 20.72 -10.09
CA LEU B 155 -12.34 20.78 -10.55
C LEU B 155 -13.23 21.76 -9.76
N CYS B 156 -13.04 21.83 -8.46
CA CYS B 156 -13.88 22.59 -7.56
C CYS B 156 -13.36 24.00 -7.35
N TRP B 157 -14.07 24.96 -7.95
CA TRP B 157 -13.77 26.38 -7.77
C TRP B 157 -14.31 26.98 -6.49
N THR B 158 -15.17 26.26 -5.75
CA THR B 158 -15.70 26.74 -4.48
C THR B 158 -15.32 25.79 -3.38
N GLU B 159 -15.08 26.35 -2.19
CA GLU B 159 -14.84 25.52 -1.00
C GLU B 159 -16.06 24.68 -0.66
N SER B 160 -17.26 25.21 -0.89
CA SER B 160 -18.51 24.47 -0.70
C SER B 160 -18.51 23.15 -1.48
N ALA B 161 -18.21 23.21 -2.77
CA ALA B 161 -18.23 22.00 -3.58
C ALA B 161 -17.09 21.07 -3.14
N LYS B 162 -15.93 21.63 -2.84
CA LYS B 162 -14.79 20.79 -2.43
C LYS B 162 -15.02 20.06 -1.10
N GLN B 163 -15.67 20.71 -0.15
CA GLN B 163 -15.99 20.08 1.13
C GLN B 163 -17.00 18.94 0.91
N LEU B 164 -18.01 19.16 0.07
CA LEU B 164 -18.98 18.10 -0.16
C LEU B 164 -18.37 16.95 -0.96
N ALA B 165 -17.60 17.28 -1.97
CA ALA B 165 -16.92 16.25 -2.77
C ALA B 165 -15.96 15.41 -1.91
N THR B 166 -15.27 16.07 -0.99
CA THR B 166 -14.35 15.39 -0.07
C THR B 166 -15.12 14.38 0.79
N LEU B 167 -16.24 14.85 1.35
CA LEU B 167 -17.09 13.98 2.17
C LEU B 167 -17.56 12.78 1.33
N PHE B 168 -17.99 13.04 0.10
CA PHE B 168 -18.44 12.02 -0.85
C PHE B 168 -17.37 10.94 -1.01
N VAL B 169 -16.13 11.35 -1.27
CA VAL B 169 -15.03 10.40 -1.40
C VAL B 169 -14.84 9.61 -0.10
N ASN B 170 -14.78 10.34 1.01
CA ASN B 170 -14.53 9.73 2.31
C ASN B 170 -15.60 8.68 2.66
N LEU B 171 -16.85 9.00 2.36
CA LEU B 171 -17.99 8.13 2.66
C LEU B 171 -18.05 6.95 1.72
N CYS B 172 -17.73 7.17 0.46
CA CYS B 172 -17.75 6.06 -0.51
CA CYS B 172 -17.76 6.11 -0.50
C CYS B 172 -16.69 5.03 -0.28
N VAL B 173 -15.48 5.48 0.06
CA VAL B 173 -14.32 4.57 0.03
C VAL B 173 -13.48 4.60 1.30
N THR B 174 -14.03 5.18 2.38
CA THR B 174 -13.41 5.20 3.72
C THR B 174 -11.92 5.54 3.68
N ALA B 175 -11.59 6.51 2.83
CA ALA B 175 -10.23 6.91 2.63
C ALA B 175 -10.22 8.37 2.27
N GLU B 176 -9.04 8.97 2.46
CA GLU B 176 -8.86 10.38 2.20
C GLU B 176 -8.68 10.58 0.70
N THR B 177 -9.06 11.76 0.22
CA THR B 177 -8.94 12.08 -1.19
C THR B 177 -7.49 11.98 -1.69
N HIS B 178 -6.54 12.35 -0.84
CA HIS B 178 -5.12 12.24 -1.19
C HIS B 178 -4.55 10.81 -1.14
N GLU B 179 -5.26 9.86 -0.55
CA GLU B 179 -4.81 8.48 -0.49
C GLU B 179 -5.10 7.67 -1.74
N VAL B 180 -6.13 8.08 -2.52
CA VAL B 180 -6.68 7.25 -3.58
C VAL B 180 -6.41 7.78 -5.00
N SER B 181 -6.13 6.87 -5.93
CA SER B 181 -6.13 7.15 -7.36
C SER B 181 -7.44 7.72 -7.85
N ALA B 182 -7.36 8.79 -8.66
CA ALA B 182 -8.55 9.31 -9.32
C ALA B 182 -9.17 8.30 -10.27
N LEU B 183 -8.36 7.61 -11.08
CA LEU B 183 -8.88 6.57 -11.98
C LEU B 183 -9.67 5.52 -11.20
N TRP B 184 -9.06 5.02 -10.13
CA TRP B 184 -9.71 3.96 -9.35
C TRP B 184 -11.03 4.47 -8.77
N PHE B 185 -11.04 5.67 -8.19
CA PHE B 185 -12.25 6.20 -7.59
C PHE B 185 -13.35 6.41 -8.63
N LEU B 186 -12.97 6.94 -9.79
CA LEU B 186 -13.93 7.17 -10.88
C LEU B 186 -14.51 5.84 -11.40
N TRP B 187 -13.67 4.83 -11.49
CA TRP B 187 -14.13 3.48 -11.79
C TRP B 187 -15.11 3.01 -10.74
N TYR B 188 -14.72 3.16 -9.46
CA TYR B 188 -15.55 2.67 -8.37
C TYR B 188 -16.99 3.21 -8.43
N VAL B 189 -17.10 4.52 -8.67
CA VAL B 189 -18.41 5.18 -8.79
C VAL B 189 -19.16 4.67 -10.01
N LYS B 190 -18.47 4.63 -11.15
CA LYS B 190 -19.11 4.22 -12.39
C LYS B 190 -19.64 2.78 -12.35
N GLN B 191 -18.87 1.90 -11.71
CA GLN B 191 -19.25 0.49 -11.62
C GLN B 191 -20.38 0.20 -10.62
N CYS B 192 -20.78 1.20 -9.83
CA CYS B 192 -22.03 1.15 -9.04
C CYS B 192 -23.21 1.82 -9.76
N GLY B 193 -23.01 2.28 -10.99
CA GLY B 193 -24.06 2.92 -11.76
C GLY B 193 -24.07 4.44 -11.76
N GLY B 194 -23.03 5.05 -11.20
CA GLY B 194 -22.84 6.47 -11.21
C GLY B 194 -23.19 7.16 -9.91
N THR B 195 -23.04 8.49 -9.92
CA THR B 195 -23.15 9.28 -8.69
C THR B 195 -24.54 9.14 -8.03
N THR B 196 -25.59 9.32 -8.81
CA THR B 196 -26.95 9.27 -8.26
C THR B 196 -27.19 7.92 -7.60
N ARG B 197 -26.84 6.85 -8.31
CA ARG B 197 -27.13 5.53 -7.80
C ARG B 197 -26.32 5.23 -6.50
N ILE B 198 -25.05 5.63 -6.46
CA ILE B 198 -24.20 5.33 -5.30
C ILE B 198 -24.57 6.15 -4.06
N ILE B 199 -25.03 7.39 -4.24
CA ILE B 199 -25.33 8.25 -3.08
C ILE B 199 -26.75 8.16 -2.58
N SER B 200 -27.62 7.54 -3.35
CA SER B 200 -29.06 7.57 -3.05
C SER B 200 -29.47 6.49 -2.07
N THR B 201 -30.39 6.86 -1.17
CA THR B 201 -31.09 5.90 -0.33
C THR B 201 -32.29 5.40 -1.21
N THR B 202 -33.35 6.21 -1.31
CA THR B 202 -34.44 5.87 -2.26
C THR B 202 -33.86 5.73 -3.65
N ASN B 203 -34.11 4.58 -4.30
CA ASN B 203 -33.61 4.25 -5.63
C ASN B 203 -32.08 4.15 -5.75
N GLY B 204 -31.37 3.88 -4.66
CA GLY B 204 -29.93 3.66 -4.75
C GLY B 204 -29.41 2.62 -3.78
N GLY B 205 -28.10 2.61 -3.60
CA GLY B 205 -27.39 1.61 -2.82
C GLY B 205 -27.82 1.49 -1.38
N GLN B 206 -28.36 2.57 -0.80
CA GLN B 206 -28.73 2.54 0.61
C GLN B 206 -30.25 2.34 0.83
N GLU B 207 -30.97 1.84 -0.18
CA GLU B 207 -32.45 1.77 -0.08
C GLU B 207 -32.96 0.87 1.02
N ARG B 208 -32.31 -0.28 1.20
CA ARG B 208 -32.85 -1.33 2.04
C ARG B 208 -31.83 -1.98 2.94
N LYS B 209 -32.37 -2.68 3.95
CA LYS B 209 -31.59 -3.57 4.82
C LYS B 209 -32.32 -4.91 4.86
N PHE B 210 -31.61 -5.96 5.27
CA PHE B 210 -32.25 -7.27 5.46
C PHE B 210 -32.90 -7.34 6.84
N VAL B 211 -34.14 -7.80 6.86
CA VAL B 211 -34.80 -8.09 8.12
C VAL B 211 -34.00 -9.20 8.82
N GLY B 212 -33.58 -8.92 10.05
CA GLY B 212 -32.74 -9.81 10.85
C GLY B 212 -31.23 -9.74 10.63
N GLY B 213 -30.78 -8.96 9.63
CA GLY B 213 -29.37 -8.69 9.44
C GLY B 213 -28.76 -9.40 8.25
N SER B 214 -27.74 -8.79 7.66
CA SER B 214 -27.09 -9.36 6.48
C SER B 214 -26.23 -10.59 6.78
N GLY B 215 -25.77 -10.74 8.03
CA GLY B 215 -25.01 -11.91 8.45
C GLY B 215 -25.73 -13.23 8.15
N GLN B 216 -27.06 -13.19 8.10
CA GLN B 216 -27.88 -14.35 7.79
C GLN B 216 -27.57 -14.93 6.42
N VAL B 217 -27.09 -14.11 5.48
CA VAL B 217 -26.71 -14.66 4.17
C VAL B 217 -25.62 -15.73 4.36
N SER B 218 -24.52 -15.36 5.03
CA SER B 218 -23.41 -16.26 5.21
C SER B 218 -23.77 -17.39 6.19
N GLU B 219 -24.50 -17.04 7.25
CA GLU B 219 -24.95 -18.03 8.23
C GLU B 219 -25.82 -19.10 7.58
N ARG B 220 -26.74 -18.69 6.73
CA ARG B 220 -27.70 -19.66 6.16
C ARG B 220 -27.05 -20.56 5.09
N ILE B 221 -26.04 -20.05 4.40
CA ILE B 221 -25.22 -20.90 3.52
C ILE B 221 -24.38 -21.87 4.38
N MET B 222 -23.82 -21.42 5.49
CA MET B 222 -23.15 -22.34 6.41
C MET B 222 -24.11 -23.40 6.89
N ASP B 223 -25.36 -23.02 7.15
CA ASP B 223 -26.39 -24.00 7.59
C ASP B 223 -26.58 -25.07 6.51
N LEU B 224 -26.71 -24.66 5.26
CA LEU B 224 -26.81 -25.60 4.15
C LEU B 224 -25.59 -26.52 4.07
N LEU B 225 -24.40 -25.94 4.16
CA LEU B 225 -23.18 -26.72 3.91
C LEU B 225 -22.76 -27.67 5.06
N GLY B 226 -23.28 -27.43 6.27
CA GLY B 226 -22.96 -28.19 7.48
C GLY B 226 -21.49 -28.22 7.82
N ASP B 227 -20.96 -29.42 8.02
CA ASP B 227 -19.57 -29.56 8.44
C ASP B 227 -18.56 -29.39 7.29
N ARG B 228 -19.01 -29.03 6.10
CA ARG B 228 -18.10 -28.57 5.03
C ARG B 228 -17.45 -27.21 5.35
N VAL B 229 -18.04 -26.44 6.27
CA VAL B 229 -17.47 -25.17 6.73
C VAL B 229 -16.63 -25.43 7.97
N LYS B 230 -15.36 -25.07 7.89
CA LYS B 230 -14.41 -25.29 8.97
C LYS B 230 -14.08 -23.92 9.55
N LEU B 231 -14.55 -23.65 10.75
CA LEU B 231 -14.25 -22.39 11.44
C LEU B 231 -12.94 -22.49 12.20
N GLU B 232 -12.30 -21.34 12.43
CA GLU B 232 -10.97 -21.29 13.06
C GLU B 232 -9.93 -22.16 12.32
N ARG B 233 -9.97 -22.07 10.99
CA ARG B 233 -9.00 -22.66 10.07
C ARG B 233 -8.38 -21.55 9.20
N PRO B 234 -7.55 -20.68 9.79
CA PRO B 234 -6.83 -19.71 8.95
C PRO B 234 -5.86 -20.47 8.03
N VAL B 235 -5.97 -20.23 6.73
CA VAL B 235 -5.05 -20.82 5.76
C VAL B 235 -3.70 -20.11 5.84
N ILE B 236 -2.64 -20.92 5.92
CA ILE B 236 -1.25 -20.44 6.05
C ILE B 236 -0.33 -20.81 4.88
N TYR B 237 -0.73 -21.79 4.09
CA TYR B 237 0.16 -22.40 3.10
C TYR B 237 -0.63 -23.06 1.97
N ILE B 238 -0.28 -22.73 0.74
CA ILE B 238 -0.86 -23.35 -0.42
C ILE B 238 0.28 -23.87 -1.31
N ASP B 239 0.22 -25.16 -1.64
CA ASP B 239 1.27 -25.84 -2.39
C ASP B 239 0.63 -26.39 -3.66
N GLN B 240 1.07 -25.88 -4.79
CA GLN B 240 0.58 -26.32 -6.10
C GLN B 240 1.64 -27.13 -6.89
N THR B 241 2.65 -27.65 -6.22
CA THR B 241 3.74 -28.34 -6.93
C THR B 241 3.35 -29.75 -7.39
N ARG B 242 2.33 -30.37 -6.76
CA ARG B 242 1.95 -31.79 -7.01
C ARG B 242 0.63 -31.91 -7.77
N GLU B 243 0.16 -33.15 -7.95
CA GLU B 243 -1.07 -33.46 -8.69
C GLU B 243 -2.33 -32.71 -8.20
N ASN B 244 -2.55 -32.77 -6.89
CA ASN B 244 -3.65 -32.07 -6.22
C ASN B 244 -3.06 -30.90 -5.45
N VAL B 245 -3.84 -29.83 -5.31
CA VAL B 245 -3.43 -28.65 -4.55
C VAL B 245 -3.53 -28.96 -3.06
N LEU B 246 -2.50 -28.61 -2.30
CA LEU B 246 -2.50 -28.84 -0.86
C LEU B 246 -2.70 -27.52 -0.15
N VAL B 247 -3.67 -27.48 0.76
CA VAL B 247 -3.95 -26.27 1.55
C VAL B 247 -3.79 -26.59 3.02
N GLU B 248 -2.90 -25.88 3.70
CA GLU B 248 -2.66 -26.10 5.12
C GLU B 248 -3.21 -24.95 5.98
N THR B 249 -3.73 -25.29 7.15
CA THR B 249 -4.26 -24.33 8.10
C THR B 249 -3.34 -24.17 9.30
N LEU B 250 -3.58 -23.09 10.05
CA LEU B 250 -2.77 -22.74 11.20
C LEU B 250 -2.83 -23.79 12.30
N ASN B 251 -4.01 -24.37 12.49
CA ASN B 251 -4.23 -25.50 13.41
C ASN B 251 -3.81 -26.86 12.84
N HIS B 252 -2.97 -26.85 11.80
CA HIS B 252 -2.17 -27.99 11.35
C HIS B 252 -2.81 -28.94 10.34
N GLU B 253 -4.09 -28.72 10.04
CA GLU B 253 -4.82 -29.61 9.16
C GLU B 253 -4.37 -29.38 7.72
N MET B 254 -4.50 -30.43 6.91
CA MET B 254 -4.13 -30.39 5.49
C MET B 254 -5.34 -30.77 4.67
N TYR B 255 -5.63 -29.97 3.65
CA TYR B 255 -6.77 -30.18 2.77
C TYR B 255 -6.23 -30.36 1.35
N GLU B 256 -6.79 -31.29 0.62
CA GLU B 256 -6.32 -31.60 -0.72
C GLU B 256 -7.48 -31.41 -1.67
N ALA B 257 -7.26 -30.65 -2.73
CA ALA B 257 -8.29 -30.38 -3.72
C ALA B 257 -7.77 -30.26 -5.13
N LYS B 258 -8.70 -30.30 -6.08
CA LYS B 258 -8.39 -30.10 -7.49
C LYS B 258 -8.17 -28.62 -7.79
N TYR B 259 -8.94 -27.74 -7.14
CA TYR B 259 -8.85 -26.29 -7.35
C TYR B 259 -9.09 -25.56 -6.04
N VAL B 260 -8.67 -24.29 -6.02
CA VAL B 260 -8.85 -23.43 -4.85
C VAL B 260 -9.50 -22.11 -5.32
N ILE B 261 -10.42 -21.59 -4.50
CA ILE B 261 -10.94 -20.23 -4.66
C ILE B 261 -10.42 -19.40 -3.50
N SER B 262 -9.74 -18.30 -3.80
CA SER B 262 -9.30 -17.35 -2.77
C SER B 262 -10.39 -16.30 -2.67
N ALA B 263 -11.12 -16.29 -1.57
CA ALA B 263 -12.25 -15.39 -1.41
C ALA B 263 -11.98 -14.40 -0.27
N ILE B 264 -10.73 -13.97 -0.14
CA ILE B 264 -10.30 -13.07 0.93
C ILE B 264 -9.92 -11.74 0.30
N PRO B 265 -9.91 -10.66 1.09
CA PRO B 265 -9.40 -9.39 0.54
C PRO B 265 -8.01 -9.57 -0.10
N PRO B 266 -7.76 -8.89 -1.25
CA PRO B 266 -6.52 -9.19 -1.96
C PRO B 266 -5.27 -9.15 -1.11
N THR B 267 -5.09 -8.11 -0.31
CA THR B 267 -3.88 -8.00 0.49
C THR B 267 -3.72 -9.10 1.53
N LEU B 268 -4.84 -9.66 1.99
CA LEU B 268 -4.76 -10.77 2.95
C LEU B 268 -4.23 -12.08 2.33
N GLY B 269 -4.06 -12.10 1.02
CA GLY B 269 -3.22 -13.10 0.38
C GLY B 269 -1.80 -13.16 0.96
N MET B 270 -1.32 -12.05 1.52
CA MET B 270 0.00 -12.01 2.16
C MET B 270 0.15 -12.95 3.35
N LYS B 271 -0.96 -13.32 3.98
CA LYS B 271 -0.92 -14.20 5.15
C LYS B 271 -0.70 -15.68 4.77
N ILE B 272 -0.69 -15.97 3.48
CA ILE B 272 -0.48 -17.30 2.94
C ILE B 272 0.92 -17.38 2.30
N HIS B 273 1.64 -18.44 2.62
CA HIS B 273 2.95 -18.72 2.05
C HIS B 273 2.70 -19.65 0.88
N PHE B 274 3.23 -19.28 -0.29
CA PHE B 274 2.96 -19.99 -1.52
C PHE B 274 4.14 -20.80 -2.02
N ASN B 275 3.84 -22.01 -2.48
CA ASN B 275 4.80 -22.87 -3.16
C ASN B 275 4.14 -23.42 -4.43
N PRO B 276 4.71 -23.17 -5.62
CA PRO B 276 5.81 -22.24 -5.82
C PRO B 276 5.42 -20.80 -5.47
N PRO B 277 6.40 -19.90 -5.41
CA PRO B 277 6.10 -18.49 -5.13
C PRO B 277 5.11 -17.95 -6.14
N LEU B 278 4.33 -16.95 -5.74
CA LEU B 278 3.42 -16.33 -6.69
C LEU B 278 4.20 -15.68 -7.82
N PRO B 279 3.56 -15.52 -8.99
CA PRO B 279 4.19 -14.75 -10.05
C PRO B 279 4.46 -13.31 -9.57
N MET B 280 5.49 -12.68 -10.16
CA MET B 280 5.97 -11.36 -9.74
C MET B 280 4.86 -10.34 -9.55
N MET B 281 3.99 -10.23 -10.53
CA MET B 281 3.01 -9.16 -10.49
C MET B 281 2.03 -9.32 -9.34
N ARG B 282 1.59 -10.54 -9.08
CA ARG B 282 0.74 -10.77 -7.91
C ARG B 282 1.52 -10.63 -6.59
N ASN B 283 2.75 -11.14 -6.54
CA ASN B 283 3.60 -10.98 -5.36
C ASN B 283 3.64 -9.53 -4.89
N GLN B 284 3.88 -8.60 -5.83
CA GLN B 284 3.89 -7.19 -5.45
C GLN B 284 2.50 -6.59 -5.30
N MET B 285 1.54 -6.98 -6.13
CA MET B 285 0.19 -6.41 -6.08
C MET B 285 -0.41 -6.47 -4.68
N ILE B 286 -0.28 -7.62 -4.02
CA ILE B 286 -0.92 -7.87 -2.73
C ILE B 286 -0.30 -7.08 -1.56
N THR B 287 0.80 -6.36 -1.82
CA THR B 287 1.37 -5.38 -0.91
C THR B 287 0.96 -3.94 -1.19
N ARG B 288 0.17 -3.70 -2.24
CA ARG B 288 -0.09 -2.33 -2.73
C ARG B 288 -1.55 -1.90 -2.63
N VAL B 289 -2.35 -2.69 -1.92
CA VAL B 289 -3.82 -2.62 -1.98
C VAL B 289 -4.44 -2.68 -0.56
N PRO B 290 -4.33 -1.56 0.19
CA PRO B 290 -4.92 -1.48 1.52
C PRO B 290 -6.45 -1.40 1.50
N LEU B 291 -7.04 -1.70 2.65
CA LEU B 291 -8.47 -1.42 2.86
C LEU B 291 -8.64 -0.14 3.68
N GLY B 292 -9.80 0.47 3.54
CA GLY B 292 -10.11 1.71 4.21
C GLY B 292 -10.35 1.56 5.70
N SER B 293 -10.67 2.67 6.34
CA SER B 293 -10.76 2.78 7.78
C SER B 293 -12.11 3.33 8.17
N VAL B 294 -12.81 2.62 9.06
CA VAL B 294 -14.12 3.06 9.51
C VAL B 294 -14.49 2.45 10.84
N ILE B 295 -15.18 3.24 11.66
CA ILE B 295 -15.88 2.77 12.83
C ILE B 295 -17.35 2.96 12.54
N LYS B 296 -18.13 1.89 12.61
CA LYS B 296 -19.57 1.96 12.42
C LYS B 296 -20.19 2.01 13.81
N CYS B 297 -20.99 3.04 14.04
CA CYS B 297 -21.53 3.37 15.38
C CYS B 297 -23.05 3.48 15.32
N ILE B 298 -23.75 2.83 16.24
CA ILE B 298 -25.22 2.88 16.27
C ILE B 298 -25.67 3.32 17.67
N VAL B 299 -26.30 4.50 17.74
CA VAL B 299 -26.83 5.05 18.98
C VAL B 299 -28.34 4.80 19.00
N TYR B 300 -28.80 4.20 20.09
CA TYR B 300 -30.20 3.83 20.27
C TYR B 300 -30.93 4.84 21.17
N TYR B 301 -32.20 5.05 20.86
CA TYR B 301 -33.06 5.95 21.59
C TYR B 301 -34.41 5.32 21.84
N LYS B 302 -35.12 5.90 22.80
CA LYS B 302 -36.46 5.43 23.14
C LYS B 302 -37.40 5.49 21.94
N GLU B 303 -37.31 6.57 21.15
CA GLU B 303 -38.19 6.80 20.00
C GLU B 303 -37.39 7.41 18.87
N PRO B 304 -37.88 7.28 17.62
CA PRO B 304 -37.24 7.94 16.47
C PRO B 304 -37.66 9.41 16.44
N PHE B 305 -37.21 10.14 17.44
CA PHE B 305 -37.72 11.47 17.78
C PHE B 305 -37.54 12.49 16.66
N TRP B 306 -36.54 12.28 15.82
CA TRP B 306 -36.27 13.14 14.69
C TRP B 306 -37.45 13.25 13.70
N ARG B 307 -38.23 12.18 13.58
CA ARG B 307 -39.35 12.14 12.66
C ARG B 307 -40.41 13.17 13.03
N LYS B 308 -40.54 13.47 14.31
CA LYS B 308 -41.49 14.50 14.79
C LYS B 308 -41.15 15.88 14.29
N LYS B 309 -39.89 16.14 13.99
CA LYS B 309 -39.45 17.41 13.42
C LYS B 309 -39.33 17.35 11.89
N ASP B 310 -39.95 16.34 11.27
CA ASP B 310 -39.87 16.14 9.83
C ASP B 310 -38.43 15.97 9.32
N TYR B 311 -37.61 15.27 10.10
CA TYR B 311 -36.28 14.81 9.69
C TYR B 311 -36.32 13.30 9.60
N CYS B 312 -35.74 12.72 8.55
CA CYS B 312 -35.73 11.26 8.38
C CYS B 312 -34.62 10.56 9.17
N GLY B 313 -33.59 11.31 9.57
CA GLY B 313 -32.46 10.76 10.30
C GLY B 313 -31.18 10.75 9.49
N THR B 314 -31.27 11.05 8.20
CA THR B 314 -30.07 11.26 7.38
C THR B 314 -29.45 12.61 7.69
N MET B 315 -28.17 12.60 8.02
CA MET B 315 -27.37 13.79 8.24
C MET B 315 -26.11 13.68 7.43
N ILE B 316 -25.81 14.75 6.70
CA ILE B 316 -24.58 14.89 5.93
C ILE B 316 -23.89 16.09 6.57
N ILE B 317 -22.73 15.86 7.19
CA ILE B 317 -22.14 16.81 8.15
C ILE B 317 -20.72 17.12 7.70
N ASP B 318 -20.57 18.33 7.14
CA ASP B 318 -19.29 18.74 6.54
C ASP B 318 -18.28 19.03 7.64
N GLY B 319 -17.00 18.99 7.28
CA GLY B 319 -15.95 19.61 8.09
C GLY B 319 -15.17 18.70 9.02
N GLU B 320 -14.05 19.22 9.52
CA GLU B 320 -13.11 18.43 10.31
C GLU B 320 -13.59 18.09 11.71
N GLU B 321 -14.28 19.01 12.36
CA GLU B 321 -14.61 18.83 13.77
C GLU B 321 -15.60 17.68 14.02
N ALA B 322 -16.56 17.50 13.13
CA ALA B 322 -17.59 16.47 13.33
C ALA B 322 -16.95 15.07 13.33
N PRO B 323 -17.23 14.25 14.37
CA PRO B 323 -16.65 12.90 14.33
C PRO B 323 -17.26 12.02 13.24
N VAL B 324 -18.54 12.22 12.97
CA VAL B 324 -19.33 11.46 12.04
C VAL B 324 -19.79 12.40 10.94
N ALA B 325 -19.50 12.04 9.69
CA ALA B 325 -19.89 12.84 8.55
C ALA B 325 -21.20 12.44 7.92
N TYR B 326 -21.69 11.24 8.25
CA TYR B 326 -22.90 10.73 7.61
C TYR B 326 -23.63 9.79 8.53
N THR B 327 -24.95 9.95 8.56
CA THR B 327 -25.82 9.09 9.32
C THR B 327 -27.03 8.69 8.50
N LEU B 328 -27.63 7.56 8.92
CA LEU B 328 -28.92 7.10 8.44
C LEU B 328 -29.74 6.61 9.64
N ASP B 329 -31.05 6.71 9.50
CA ASP B 329 -31.97 6.12 10.46
C ASP B 329 -31.80 4.58 10.43
N ASP B 330 -31.51 3.99 11.59
CA ASP B 330 -31.35 2.53 11.71
C ASP B 330 -32.52 1.88 12.45
N THR B 331 -33.59 2.64 12.68
CA THR B 331 -34.80 2.13 13.34
C THR B 331 -35.34 0.91 12.56
N LYS B 332 -35.90 -0.05 13.30
CA LYS B 332 -36.48 -1.27 12.71
C LYS B 332 -37.80 -0.92 12.06
N PRO B 333 -38.30 -1.83 11.18
CA PRO B 333 -39.48 -1.44 10.41
C PRO B 333 -40.70 -1.12 11.24
N GLU B 334 -40.79 -1.63 12.47
CA GLU B 334 -41.96 -1.41 13.28
C GLU B 334 -41.92 -0.04 14.03
N GLY B 335 -40.87 0.76 13.81
CA GLY B 335 -40.70 1.99 14.54
C GLY B 335 -40.05 1.75 15.88
N ASN B 336 -39.62 0.53 16.16
CA ASN B 336 -38.98 0.26 17.43
C ASN B 336 -37.50 0.05 17.24
N TYR B 337 -36.80 -0.02 18.36
CA TYR B 337 -35.35 -0.04 18.45
C TYR B 337 -34.83 1.19 17.71
N ALA B 338 -35.42 2.35 18.02
CA ALA B 338 -35.02 3.58 17.35
C ALA B 338 -33.54 3.79 17.45
N ALA B 339 -32.92 4.19 16.34
CA ALA B 339 -31.47 4.29 16.30
C ALA B 339 -30.98 5.13 15.13
N ILE B 340 -29.83 5.75 15.34
CA ILE B 340 -29.08 6.44 14.29
C ILE B 340 -27.78 5.69 14.06
N MET B 341 -27.54 5.31 12.81
CA MET B 341 -26.27 4.75 12.38
C MET B 341 -25.37 5.87 11.86
N GLY B 342 -24.15 5.95 12.33
CA GLY B 342 -23.17 6.91 11.82
C GLY B 342 -21.81 6.26 11.57
N PHE B 343 -21.09 6.75 10.56
CA PHE B 343 -19.74 6.27 10.25
C PHE B 343 -18.71 7.31 10.71
N ILE B 344 -17.68 6.85 11.42
CA ILE B 344 -16.49 7.66 11.68
C ILE B 344 -15.50 7.23 10.62
N LEU B 345 -15.17 8.15 9.72
CA LEU B 345 -14.50 7.79 8.44
C LEU B 345 -13.03 8.12 8.36
N ALA B 346 -12.27 7.22 7.73
CA ALA B 346 -10.90 7.50 7.29
C ALA B 346 -10.01 8.02 8.43
N HIS B 347 -9.35 9.19 8.32
CA HIS B 347 -8.44 9.63 9.40
C HIS B 347 -9.12 9.75 10.77
N LYS B 348 -10.43 10.05 10.77
CA LYS B 348 -11.13 10.18 12.04
C LYS B 348 -11.29 8.85 12.74
N ALA B 349 -11.33 7.75 11.99
CA ALA B 349 -11.38 6.42 12.61
C ALA B 349 -10.08 6.20 13.38
N ARG B 350 -8.96 6.58 12.78
CA ARG B 350 -7.64 6.47 13.44
C ARG B 350 -7.57 7.40 14.64
N LYS B 351 -7.97 8.65 14.47
CA LYS B 351 -7.88 9.64 15.52
C LYS B 351 -8.73 9.29 16.75
N LEU B 352 -9.99 8.92 16.52
CA LEU B 352 -10.94 8.73 17.62
C LEU B 352 -10.94 7.33 18.22
N ALA B 353 -10.19 6.41 17.63
CA ALA B 353 -9.98 5.07 18.21
C ALA B 353 -9.29 5.10 19.58
N ARG B 354 -8.52 6.16 19.84
CA ARG B 354 -7.84 6.32 21.15
C ARG B 354 -8.82 6.48 22.32
N LEU B 355 -9.98 7.04 22.05
CA LEU B 355 -11.01 7.28 23.06
C LEU B 355 -11.63 5.98 23.56
N THR B 356 -12.35 6.06 24.66
CA THR B 356 -13.19 4.94 25.11
C THR B 356 -14.49 4.93 24.34
N LYS B 357 -15.17 3.80 24.40
CA LYS B 357 -16.53 3.63 23.87
C LYS B 357 -17.49 4.70 24.41
N GLU B 358 -17.41 4.95 25.71
CA GLU B 358 -18.27 5.94 26.37
C GLU B 358 -17.95 7.37 25.88
N GLU B 359 -16.67 7.65 25.66
CA GLU B 359 -16.26 8.94 25.09
C GLU B 359 -16.76 9.17 23.66
N ARG B 360 -16.65 8.15 22.80
CA ARG B 360 -17.22 8.24 21.47
C ARG B 360 -18.74 8.46 21.53
N LEU B 361 -19.42 7.72 22.42
CA LEU B 361 -20.88 7.88 22.56
C LEU B 361 -21.26 9.33 22.88
N LYS B 362 -20.56 9.94 23.84
CA LYS B 362 -20.83 11.32 24.22
C LYS B 362 -20.59 12.29 23.05
N LYS B 363 -19.50 12.11 22.30
CA LYS B 363 -19.21 12.96 21.14
C LYS B 363 -20.29 12.85 20.07
N LEU B 364 -20.74 11.62 19.81
CA LEU B 364 -21.78 11.40 18.84
C LEU B 364 -23.10 12.01 19.26
N CYS B 365 -23.49 11.77 20.52
CA CYS B 365 -24.78 12.30 21.01
C CYS B 365 -24.81 13.83 20.93
N GLU B 366 -23.71 14.47 21.31
CA GLU B 366 -23.62 15.93 21.28
C GLU B 366 -23.66 16.46 19.85
N LEU B 367 -22.97 15.80 18.93
CA LEU B 367 -23.08 16.12 17.51
C LEU B 367 -24.54 16.01 17.02
N TYR B 368 -25.19 14.90 17.32
CA TYR B 368 -26.53 14.67 16.84
C TYR B 368 -27.53 15.65 17.44
N ALA B 369 -27.29 16.05 18.69
CA ALA B 369 -28.14 17.03 19.34
C ALA B 369 -28.05 18.35 18.59
N LYS B 370 -26.84 18.71 18.18
CA LYS B 370 -26.66 19.93 17.41
C LYS B 370 -27.31 19.87 16.03
N VAL B 371 -27.06 18.78 15.32
CA VAL B 371 -27.50 18.67 13.95
C VAL B 371 -29.03 18.49 13.86
N LEU B 372 -29.57 17.64 14.71
CA LEU B 372 -31.01 17.42 14.76
C LEU B 372 -31.74 18.49 15.56
N GLY B 373 -31.00 19.36 16.26
CA GLY B 373 -31.63 20.43 17.05
C GLY B 373 -32.54 19.88 18.13
N SER B 374 -32.08 18.86 18.84
CA SER B 374 -32.87 18.17 19.82
C SER B 374 -32.06 17.70 21.00
N LEU B 375 -32.53 18.05 22.19
CA LEU B 375 -31.94 17.56 23.40
C LEU B 375 -32.18 16.06 23.62
N GLU B 376 -33.17 15.51 22.92
CA GLU B 376 -33.46 14.07 23.01
C GLU B 376 -32.26 13.22 22.58
N ALA B 377 -31.42 13.76 21.69
CA ALA B 377 -30.20 13.08 21.26
C ALA B 377 -29.16 12.86 22.37
N LEU B 378 -29.30 13.57 23.49
CA LEU B 378 -28.39 13.42 24.61
C LEU B 378 -28.81 12.33 25.57
N GLU B 379 -29.86 11.59 25.23
CA GLU B 379 -30.46 10.59 26.11
C GLU B 379 -30.45 9.20 25.47
N PRO B 380 -29.26 8.71 25.09
CA PRO B 380 -29.24 7.36 24.47
C PRO B 380 -29.63 6.27 25.46
N VAL B 381 -30.24 5.22 24.96
CA VAL B 381 -30.61 4.06 25.79
C VAL B 381 -29.64 2.88 25.61
N HIS B 382 -28.84 2.92 24.53
CA HIS B 382 -27.93 1.84 24.22
C HIS B 382 -26.99 2.32 23.10
N TYR B 383 -25.84 1.64 22.99
CA TYR B 383 -24.82 1.94 21.99
C TYR B 383 -24.13 0.67 21.54
N GLU B 384 -23.87 0.55 20.24
CA GLU B 384 -23.04 -0.53 19.70
C GLU B 384 -22.12 0.12 18.67
N GLU B 385 -20.89 -0.39 18.58
CA GLU B 385 -19.94 0.09 17.60
C GLU B 385 -18.99 -1.01 17.18
N LYS B 386 -18.36 -0.84 16.03
CA LYS B 386 -17.32 -1.75 15.58
C LYS B 386 -16.30 -0.99 14.76
N ASN B 387 -15.05 -1.05 15.22
CA ASN B 387 -13.90 -0.51 14.52
C ASN B 387 -13.26 -1.59 13.66
N TRP B 388 -13.52 -1.50 12.34
CA TRP B 388 -13.02 -2.47 11.41
C TRP B 388 -11.52 -2.39 11.16
N CYS B 389 -10.87 -1.31 11.57
CA CYS B 389 -9.42 -1.21 11.47
C CYS B 389 -8.66 -2.22 12.32
N GLU B 390 -9.33 -2.77 13.34
CA GLU B 390 -8.71 -3.73 14.26
C GLU B 390 -8.63 -5.15 13.72
N GLU B 391 -9.34 -5.45 12.62
CA GLU B 391 -9.57 -6.84 12.22
C GLU B 391 -8.42 -7.44 11.42
N GLN B 392 -7.73 -8.41 12.03
CA GLN B 392 -6.64 -9.12 11.35
C GLN B 392 -7.09 -9.78 10.05
N TYR B 393 -8.29 -10.35 10.05
CA TYR B 393 -8.80 -11.10 8.88
C TYR B 393 -9.76 -10.31 7.98
N SER B 394 -9.83 -8.98 8.14
CA SER B 394 -10.40 -8.09 7.13
C SER B 394 -9.39 -7.07 6.58
N GLY B 395 -8.62 -6.45 7.46
CA GLY B 395 -7.69 -5.37 7.09
C GLY B 395 -8.30 -3.98 7.14
N GLY B 396 -9.62 -3.90 7.23
CA GLY B 396 -10.36 -2.65 7.25
C GLY B 396 -11.75 -2.84 6.62
N CYS B 397 -12.40 -1.72 6.30
CA CYS B 397 -13.71 -1.72 5.64
C CYS B 397 -13.89 -0.38 4.95
N TYR B 398 -14.78 -0.25 3.95
CA TYR B 398 -15.64 -1.34 3.43
C TYR B 398 -14.84 -2.27 2.54
N THR B 399 -13.84 -1.70 1.85
CA THR B 399 -13.17 -2.43 0.80
C THR B 399 -11.75 -1.92 0.55
N THR B 400 -11.11 -2.55 -0.43
CA THR B 400 -9.77 -2.21 -0.89
C THR B 400 -9.76 -0.95 -1.74
N TYR B 401 -8.88 -0.01 -1.42
CA TYR B 401 -8.64 1.12 -2.30
C TYR B 401 -7.30 1.00 -2.99
N PHE B 402 -7.19 1.71 -4.11
CA PHE B 402 -5.98 1.72 -4.91
C PHE B 402 -5.31 3.11 -4.84
N PRO B 403 -4.10 3.18 -4.23
CA PRO B 403 -3.33 4.40 -4.29
C PRO B 403 -2.90 4.78 -5.71
N PRO B 404 -2.46 6.02 -5.90
CA PRO B 404 -2.06 6.42 -7.23
C PRO B 404 -1.01 5.51 -7.87
N GLY B 405 -1.24 5.16 -9.12
CA GLY B 405 -0.32 4.36 -9.91
C GLY B 405 -0.53 2.88 -9.89
N ILE B 406 -1.36 2.38 -8.97
CA ILE B 406 -1.44 0.96 -8.74
C ILE B 406 -2.40 0.24 -9.70
N LEU B 407 -3.57 0.82 -9.96
CA LEU B 407 -4.59 0.14 -10.79
C LEU B 407 -4.12 -0.12 -12.20
N THR B 408 -3.46 0.86 -12.82
CA THR B 408 -2.93 0.65 -14.17
C THR B 408 -1.79 -0.38 -14.21
N GLN B 409 -0.92 -0.38 -13.20
CA GLN B 409 0.24 -1.28 -13.18
C GLN B 409 -0.10 -2.72 -12.76
N TYR B 410 -1.05 -2.87 -11.84
CA TYR B 410 -1.34 -4.15 -11.23
C TYR B 410 -2.80 -4.59 -11.34
N GLY B 411 -3.71 -3.75 -11.85
CA GLY B 411 -5.14 -4.06 -11.84
C GLY B 411 -5.54 -5.35 -12.58
N ARG B 412 -4.88 -5.61 -13.71
CA ARG B 412 -5.10 -6.83 -14.49
C ARG B 412 -4.87 -8.12 -13.70
N VAL B 413 -4.00 -8.04 -12.68
CA VAL B 413 -3.59 -9.19 -11.88
C VAL B 413 -4.74 -9.67 -10.99
N LEU B 414 -5.68 -8.79 -10.61
CA LEU B 414 -6.57 -9.16 -9.49
C LEU B 414 -7.35 -10.45 -9.69
N ARG B 415 -7.96 -10.66 -10.84
CA ARG B 415 -8.69 -11.90 -11.01
C ARG B 415 -8.06 -12.92 -11.95
N GLN B 416 -6.80 -12.70 -12.28
CA GLN B 416 -6.04 -13.66 -13.08
C GLN B 416 -5.76 -14.94 -12.27
N PRO B 417 -6.22 -16.12 -12.76
CA PRO B 417 -5.90 -17.33 -12.03
C PRO B 417 -4.38 -17.58 -11.89
N VAL B 418 -3.99 -18.21 -10.80
CA VAL B 418 -2.62 -18.65 -10.56
C VAL B 418 -2.68 -20.16 -10.51
N ASP B 419 -2.43 -20.77 -11.68
CA ASP B 419 -2.49 -22.23 -11.87
C ASP B 419 -3.90 -22.71 -11.56
N ARG B 420 -4.12 -23.33 -10.41
CA ARG B 420 -5.43 -23.84 -10.00
C ARG B 420 -6.10 -23.00 -8.90
N ILE B 421 -5.58 -21.80 -8.61
CA ILE B 421 -6.22 -20.84 -7.69
C ILE B 421 -6.95 -19.79 -8.52
N TYR B 422 -8.26 -19.66 -8.28
CA TYR B 422 -9.11 -18.65 -8.89
C TYR B 422 -9.49 -17.66 -7.78
N PHE B 423 -9.82 -16.46 -8.17
CA PHE B 423 -10.01 -15.35 -7.23
C PHE B 423 -11.41 -14.80 -7.23
N ALA B 424 -12.03 -14.90 -6.07
CA ALA B 424 -13.33 -14.35 -5.79
C ALA B 424 -13.10 -13.11 -4.92
N GLY B 425 -14.07 -12.75 -4.09
CA GLY B 425 -14.00 -11.55 -3.27
C GLY B 425 -14.56 -10.33 -3.97
N THR B 426 -15.24 -9.46 -3.21
CA THR B 426 -15.94 -8.32 -3.83
C THR B 426 -15.03 -7.43 -4.67
N GLU B 427 -13.76 -7.38 -4.28
CA GLU B 427 -12.75 -6.57 -4.99
C GLU B 427 -12.56 -6.96 -6.46
N THR B 428 -12.90 -8.21 -6.81
CA THR B 428 -12.78 -8.72 -8.15
C THR B 428 -14.07 -8.57 -8.99
N ALA B 429 -15.12 -8.00 -8.42
CA ALA B 429 -16.37 -7.82 -9.18
C ALA B 429 -16.25 -6.68 -10.18
N THR B 430 -17.18 -6.67 -11.13
CA THR B 430 -17.27 -5.59 -12.13
C THR B 430 -18.51 -4.70 -11.97
N HIS B 431 -19.42 -5.06 -11.06
CA HIS B 431 -20.63 -4.28 -10.79
C HIS B 431 -20.82 -4.34 -9.27
N TRP B 432 -20.87 -3.17 -8.64
CA TRP B 432 -20.89 -3.04 -7.16
C TRP B 432 -19.77 -3.80 -6.45
N SER B 433 -18.59 -3.83 -7.07
CA SER B 433 -17.36 -4.16 -6.35
C SER B 433 -17.29 -3.28 -5.11
N GLY B 434 -16.91 -3.89 -3.99
CA GLY B 434 -16.88 -3.22 -2.69
C GLY B 434 -18.08 -3.50 -1.83
N TYR B 435 -19.14 -4.06 -2.42
CA TYR B 435 -20.42 -4.33 -1.80
C TYR B 435 -20.72 -5.83 -1.72
N MET B 436 -21.72 -6.16 -0.92
CA MET B 436 -22.23 -7.55 -0.86
C MET B 436 -22.64 -8.04 -2.24
N GLU B 437 -23.24 -7.17 -3.04
CA GLU B 437 -23.55 -7.51 -4.45
C GLU B 437 -22.32 -7.99 -5.22
N GLY B 438 -21.24 -7.21 -5.18
CA GLY B 438 -20.00 -7.62 -5.84
C GLY B 438 -19.41 -8.91 -5.26
N ALA B 439 -19.58 -9.14 -3.97
CA ALA B 439 -19.16 -10.40 -3.36
C ALA B 439 -19.85 -11.60 -4.03
N VAL B 440 -21.16 -11.47 -4.27
CA VAL B 440 -21.91 -12.58 -4.90
C VAL B 440 -21.45 -12.74 -6.35
N GLU B 441 -21.37 -11.62 -7.08
CA GLU B 441 -20.93 -11.69 -8.49
C GLU B 441 -19.61 -12.43 -8.61
N ALA B 442 -18.65 -12.03 -7.78
CA ALA B 442 -17.28 -12.59 -7.89
C ALA B 442 -17.17 -14.04 -7.46
N GLY B 443 -17.92 -14.40 -6.43
CA GLY B 443 -17.92 -15.77 -5.93
C GLY B 443 -18.49 -16.72 -6.97
N GLU B 444 -19.61 -16.32 -7.56
CA GLU B 444 -20.27 -17.17 -8.54
C GLU B 444 -19.45 -17.25 -9.82
N ARG B 445 -18.83 -16.14 -10.23
CA ARG B 445 -17.98 -16.14 -11.41
C ARG B 445 -16.74 -17.04 -11.21
N ALA B 446 -16.07 -16.92 -10.06
CA ALA B 446 -14.92 -17.75 -9.78
C ALA B 446 -15.32 -19.21 -9.75
N ALA B 447 -16.46 -19.52 -9.16
CA ALA B 447 -16.97 -20.91 -9.18
C ALA B 447 -17.18 -21.43 -10.61
N ARG B 448 -17.79 -20.62 -11.46
CA ARG B 448 -18.02 -20.99 -12.86
C ARG B 448 -16.73 -21.07 -13.69
N GLU B 449 -15.71 -20.26 -13.37
CA GLU B 449 -14.36 -20.48 -13.96
C GLU B 449 -13.85 -21.91 -13.70
N ILE B 450 -14.02 -22.39 -12.47
CA ILE B 450 -13.62 -23.76 -12.13
C ILE B 450 -14.50 -24.79 -12.86
N LEU B 451 -15.82 -24.57 -12.90
CA LEU B 451 -16.71 -25.47 -13.66
C LEU B 451 -16.26 -25.54 -15.14
N HIS B 452 -15.88 -24.40 -15.71
CA HIS B 452 -15.35 -24.38 -17.08
C HIS B 452 -14.02 -25.14 -17.19
N ALA B 453 -13.11 -24.91 -16.24
CA ALA B 453 -11.83 -25.63 -16.22
C ALA B 453 -12.04 -27.14 -16.20
N MET B 454 -13.09 -27.56 -15.50
CA MET B 454 -13.47 -28.97 -15.38
C MET B 454 -14.19 -29.53 -16.61
N GLY B 455 -14.47 -28.68 -17.61
CA GLY B 455 -15.24 -29.07 -18.80
C GLY B 455 -16.74 -29.21 -18.60
N LYS B 456 -17.28 -28.73 -17.47
CA LYS B 456 -18.69 -28.89 -17.15
C LYS B 456 -19.60 -27.84 -17.79
N ILE B 457 -19.08 -26.65 -18.06
CA ILE B 457 -19.84 -25.60 -18.75
C ILE B 457 -18.94 -24.95 -19.79
N PRO B 458 -19.54 -24.32 -20.82
CA PRO B 458 -18.75 -23.61 -21.80
C PRO B 458 -18.23 -22.27 -21.31
N GLU B 459 -17.24 -21.73 -22.02
CA GLU B 459 -16.62 -20.42 -21.72
C GLU B 459 -17.64 -19.30 -21.54
N ASP B 460 -18.65 -19.28 -22.41
CA ASP B 460 -19.66 -18.21 -22.40
C ASP B 460 -20.63 -18.22 -21.21
N GLU B 461 -20.56 -19.24 -20.37
CA GLU B 461 -21.35 -19.29 -19.13
C GLU B 461 -20.55 -18.88 -17.85
N ILE B 462 -19.29 -18.48 -18.01
CA ILE B 462 -18.49 -18.03 -16.86
C ILE B 462 -19.11 -16.76 -16.28
N TRP B 463 -19.42 -15.79 -17.14
CA TRP B 463 -20.10 -14.56 -16.73
C TRP B 463 -21.57 -14.69 -17.09
N GLN B 464 -22.45 -14.49 -16.12
CA GLN B 464 -23.88 -14.68 -16.27
C GLN B 464 -24.63 -13.42 -15.87
N SER B 465 -25.57 -12.97 -16.70
CA SER B 465 -26.43 -11.86 -16.36
C SER B 465 -27.37 -12.26 -15.24
N GLU B 466 -27.99 -11.26 -14.61
CA GLU B 466 -28.92 -11.52 -13.51
C GLU B 466 -30.25 -10.86 -13.79
N PRO B 467 -31.34 -11.61 -13.74
CA PRO B 467 -32.66 -10.97 -13.89
C PRO B 467 -32.92 -9.93 -12.80
N GLU B 468 -33.64 -8.86 -13.16
CA GLU B 468 -33.98 -7.83 -12.18
C GLU B 468 -34.90 -8.37 -11.09
N SER B 469 -34.60 -7.98 -9.84
CA SER B 469 -35.46 -8.29 -8.72
C SER B 469 -36.88 -7.76 -8.92
N VAL B 470 -37.86 -8.61 -8.66
CA VAL B 470 -39.28 -8.17 -8.66
C VAL B 470 -39.59 -7.33 -7.41
N ASP B 471 -38.90 -7.59 -6.31
CA ASP B 471 -39.15 -6.93 -5.03
C ASP B 471 -38.51 -5.56 -4.92
N VAL B 472 -37.39 -5.40 -5.62
CA VAL B 472 -36.58 -4.17 -5.57
C VAL B 472 -36.23 -3.73 -6.99
N PRO B 473 -37.25 -3.33 -7.77
CA PRO B 473 -36.99 -2.88 -9.14
C PRO B 473 -36.24 -1.56 -9.16
N ALA B 474 -35.42 -1.36 -10.18
CA ALA B 474 -34.71 -0.10 -10.33
C ALA B 474 -35.52 0.87 -11.18
N GLN B 475 -35.59 2.12 -10.75
CA GLN B 475 -36.13 3.21 -11.55
C GLN B 475 -34.98 3.92 -12.27
N PRO B 476 -35.27 4.48 -13.46
CA PRO B 476 -34.17 5.10 -14.22
C PRO B 476 -33.53 6.30 -13.50
N ILE B 477 -32.23 6.49 -13.70
CA ILE B 477 -31.55 7.71 -13.25
C ILE B 477 -31.78 8.76 -14.34
N THR B 478 -32.29 9.92 -13.94
CA THR B 478 -32.56 10.99 -14.89
C THR B 478 -31.79 12.24 -14.52
N THR B 479 -31.62 13.10 -15.52
CA THR B 479 -31.07 14.46 -15.33
C THR B 479 -31.96 15.48 -16.05
N THR B 480 -31.87 16.74 -15.65
CA THR B 480 -32.59 17.82 -16.33
C THR B 480 -31.75 18.44 -17.43
N PHE B 481 -32.41 19.16 -18.34
CA PHE B 481 -31.74 19.95 -19.37
C PHE B 481 -30.68 20.90 -18.76
N LEU B 482 -31.07 21.69 -17.76
CA LEU B 482 -30.12 22.60 -17.10
C LEU B 482 -28.93 21.88 -16.45
N GLU B 483 -29.18 20.76 -15.78
CA GLU B 483 -28.08 19.95 -15.22
C GLU B 483 -27.08 19.53 -16.29
N ARG B 484 -27.58 19.10 -17.45
CA ARG B 484 -26.71 18.66 -18.55
C ARG B 484 -25.92 19.82 -19.19
N HIS B 485 -26.52 21.01 -19.27
CA HIS B 485 -25.98 22.11 -20.10
C HIS B 485 -25.49 23.37 -19.38
N LEU B 486 -25.81 23.57 -18.12
CA LEU B 486 -25.23 24.69 -17.41
C LEU B 486 -23.71 24.64 -17.43
N PRO B 487 -23.07 25.79 -17.61
CA PRO B 487 -21.61 25.82 -17.67
C PRO B 487 -21.00 25.57 -16.30
N SER B 488 -19.76 25.09 -16.30
CA SER B 488 -18.91 25.08 -15.12
C SER B 488 -18.51 26.52 -14.77
N VAL B 489 -17.86 26.70 -13.62
CA VAL B 489 -17.36 28.03 -13.25
C VAL B 489 -16.33 28.57 -14.28
N PRO B 490 -15.30 27.78 -14.64
CA PRO B 490 -14.37 28.27 -15.68
C PRO B 490 -15.03 28.42 -17.05
N GLY B 491 -16.03 27.58 -17.34
CA GLY B 491 -16.89 27.75 -18.49
C GLY B 491 -17.60 29.10 -18.52
N LEU B 492 -18.23 29.47 -17.40
CA LEU B 492 -18.86 30.80 -17.28
C LEU B 492 -17.84 31.94 -17.41
N LEU B 493 -16.62 31.74 -16.91
CA LEU B 493 -15.56 32.77 -17.00
C LEU B 493 -15.07 32.96 -18.45
N ARG B 494 -14.92 31.89 -19.22
CA ARG B 494 -14.60 31.98 -20.65
C ARG B 494 -15.60 32.86 -21.44
N LEU B 495 -16.90 32.65 -21.18
CA LEU B 495 -17.94 33.48 -21.78
C LEU B 495 -17.86 34.97 -21.40
N ILE B 496 -17.33 35.26 -20.22
CA ILE B 496 -17.06 36.64 -19.77
C ILE B 496 -15.60 37.01 -20.07
PA FAD C . 16.35 -8.03 4.53
O1A FAD C . 17.69 -8.07 3.88
O2A FAD C . 15.13 -8.01 3.68
O5B FAD C . 16.32 -9.25 5.56
C5B FAD C . 15.07 -9.81 5.95
C4B FAD C . 15.25 -11.31 6.06
O4B FAD C . 14.04 -11.82 6.63
C3B FAD C . 15.45 -12.01 4.74
O3B FAD C . 16.63 -12.82 4.78
C2B FAD C . 14.18 -12.81 4.54
O2B FAD C . 14.35 -14.04 3.83
C1B FAD C . 13.68 -13.03 5.96
N9A FAD C . 12.21 -13.23 6.13
C8A FAD C . 11.19 -12.61 5.50
N7A FAD C . 10.00 -13.07 5.97
C5A FAD C . 10.31 -14.01 6.91
C6A FAD C . 9.55 -14.84 7.73
N6A FAD C . 8.21 -14.85 7.72
N1A FAD C . 10.20 -15.69 8.55
C2A FAD C . 11.56 -15.75 8.60
N3A FAD C . 12.32 -14.96 7.83
C4A FAD C . 11.71 -14.09 6.99
N1 FAD C . 21.66 -0.97 0.19
C2 FAD C . 22.91 -0.41 0.26
O2 FAD C . 23.36 -0.08 1.39
N3 FAD C . 23.66 -0.20 -0.84
C4 FAD C . 23.18 -0.57 -2.05
O4 FAD C . 23.90 -0.42 -3.07
C4X FAD C . 21.90 -1.10 -2.17
N5 FAD C . 21.43 -1.44 -3.39
C5X FAD C . 20.31 -2.24 -3.47
C6 FAD C . 20.03 -2.86 -4.69
C7 FAD C . 19.12 -3.90 -4.76
C7M FAD C . 18.87 -4.50 -6.13
C8 FAD C . 18.51 -4.38 -3.59
C8M FAD C . 17.56 -5.55 -3.47
C9 FAD C . 18.81 -3.75 -2.38
C9A FAD C . 19.70 -2.68 -2.29
N10 FAD C . 19.94 -1.95 -1.15
C10 FAD C . 21.14 -1.34 -1.04
C1' FAD C . 19.20 -2.13 0.12
C2' FAD C . 19.77 -3.18 1.07
O2' FAD C . 20.00 -4.44 0.41
C3' FAD C . 18.79 -3.34 2.23
O3' FAD C . 18.59 -2.07 2.85
C4' FAD C . 19.21 -4.30 3.34
O4' FAD C . 19.83 -5.49 2.81
C5' FAD C . 18.01 -4.74 4.14
O5' FAD C . 18.46 -5.47 5.31
P FAD C . 17.36 -5.97 6.34
O1P FAD C . 18.09 -6.97 7.22
O2P FAD C . 16.64 -4.82 6.99
O3P FAD C . 16.22 -6.74 5.49
OAB E98 D . 22.93 6.21 -7.37
CAS E98 D . 22.05 6.05 -6.52
CAU E98 D . 21.86 4.80 -5.90
CAJ E98 D . 22.54 3.65 -6.32
CAE E98 D . 22.31 2.43 -5.68
CAD E98 D . 21.41 2.29 -4.63
CAI E98 D . 20.73 3.44 -4.22
CAT E98 D . 20.96 4.65 -4.85
OAN E98 D . 20.28 5.76 -4.43
CAK E98 D . 20.32 6.92 -5.15
CAR E98 D . 21.25 7.16 -6.16
CAO E98 D . 21.16 8.42 -6.87
OAA E98 D . 20.28 9.22 -6.56
NAM E98 D . 22.10 8.70 -7.81
CAQ E98 D . 22.07 9.74 -8.68
CAL E98 D . 20.97 10.58 -8.96
CAP E98 D . 21.08 11.59 -9.90
FAC E98 D . 20.01 12.38 -10.15
CAG E98 D . 22.26 11.83 -10.61
CAF E98 D . 23.37 11.02 -10.33
CAH E98 D . 23.26 9.99 -9.40
C1 C15 E . 3.69 26.65 -9.21
C2 C15 E . 4.38 26.76 -10.58
C3 C15 E . 3.89 25.70 -11.57
N1 C15 E . 4.67 25.63 -12.84
C1N C15 E . 6.08 25.24 -12.56
C2N C15 E . 4.05 24.59 -13.67
C11 C15 E . 0.86 31.74 -14.99
C12 C15 E . 2.14 31.06 -14.48
C13 C15 E . 2.13 29.59 -14.89
C14 C15 E . 3.48 28.90 -14.67
C15 C15 E . 3.35 27.63 -13.83
C16 C15 E . 4.71 26.94 -13.57
S1 C15 E . 3.68 28.12 -8.41
O1S C15 E . 3.09 27.93 -7.11
O2S C15 E . 2.89 29.07 -9.15
O3S C15 E . 5.20 28.70 -8.21
C1 GOL F . 17.08 5.82 -27.00
O1 GOL F . 17.62 5.38 -28.26
C2 GOL F . 18.24 6.41 -26.18
O2 GOL F . 18.63 7.69 -26.73
C3 GOL F . 17.79 6.56 -24.74
O3 GOL F . 16.77 7.54 -24.62
PA FAD G . -15.10 -10.81 3.39
O1A FAD G . -16.43 -10.51 3.97
O2A FAD G . -13.88 -10.03 3.87
O5B FAD G . -14.79 -12.38 3.58
C5B FAD G . -13.47 -12.89 3.63
C4B FAD G . -13.43 -14.02 4.65
O4B FAD G . -12.14 -14.59 4.61
C3B FAD G . -13.64 -13.54 6.10
O3B FAD G . -14.67 -14.28 6.75
C2B FAD G . -12.27 -13.75 6.73
O2B FAD G . -12.31 -14.05 8.13
C1B FAD G . -11.69 -14.88 5.91
N9A FAD G . -10.21 -14.98 5.85
C8A FAD G . -9.30 -13.99 5.75
N7A FAD G . -8.05 -14.51 5.69
C5A FAD G . -8.21 -15.87 5.76
C6A FAD G . -7.32 -16.93 5.74
N6A FAD G . -5.99 -16.71 5.66
N1A FAD G . -7.80 -18.20 5.82
C2A FAD G . -9.14 -18.43 5.88
N3A FAD G . -10.03 -17.42 5.92
C4A FAD G . -9.57 -16.14 5.84
N1 FAD G . -21.55 -3.52 1.61
C2 FAD G . -22.82 -3.41 1.19
O2 FAD G . -23.25 -4.07 0.19
N3 FAD G . -23.64 -2.56 1.84
C4 FAD G . -23.19 -1.85 2.90
O4 FAD G . -24.00 -1.14 3.52
C4X FAD G . -21.86 -1.96 3.35
N5 FAD G . -21.40 -1.25 4.42
C5X FAD G . -20.18 -1.57 4.96
C6 FAD G . -19.86 -1.09 6.24
C7 FAD G . -18.83 -1.64 6.99
C7M FAD G . -18.53 -1.03 8.34
C8 FAD G . -18.12 -2.73 6.50
C8M FAD G . -17.01 -3.49 7.22
C9 FAD G . -18.46 -3.23 5.23
C9A FAD G . -19.50 -2.67 4.43
N10 FAD G . -19.79 -3.07 3.14
C10 FAD G . -21.04 -2.85 2.70
C1' FAD G . -18.94 -4.02 2.40
C2' FAD G . -19.34 -5.51 2.48
O2' FAD G . -19.44 -5.89 3.85
C3' FAD G . -18.28 -6.32 1.72
O3' FAD G . -18.18 -5.85 0.38
C4' FAD G . -18.52 -7.82 1.67
O4' FAD G . -18.94 -8.29 2.96
C5' FAD G . -17.24 -8.50 1.25
O5' FAD G . -17.46 -9.90 1.13
P FAD G . -16.25 -10.86 0.72
O1P FAD G . -16.80 -12.25 0.89
O2P FAD G . -15.67 -10.44 -0.58
O3P FAD G . -15.11 -10.61 1.80
OAB E98 H . -24.32 6.72 1.62
CAS E98 H . -23.33 6.15 1.14
CAU E98 H . -22.93 4.88 1.62
CAJ E98 H . -23.52 4.28 2.77
CAE E98 H . -23.09 3.02 3.18
CAD E98 H . -22.08 2.33 2.51
CAI E98 H . -21.49 2.92 1.39
CAT E98 H . -21.91 4.16 0.98
OAN E98 H . -21.34 4.70 -0.14
CAK E98 H . -21.54 6.01 -0.41
CAR E98 H . -22.60 6.75 0.09
CAO E98 H . -22.71 8.08 -0.37
OAA E98 H . -21.87 8.55 -1.17
NAM E98 H . -23.77 8.81 0.08
CAQ E98 H . -23.89 10.18 -0.02
CAL E98 H . -22.90 11.09 -0.42
CAP E98 H . -23.20 12.46 -0.48
FAC E98 H . -22.27 13.34 -0.89
CAG E98 H . -24.45 12.96 -0.15
CAF E98 H . -25.43 12.07 0.25
CAH E98 H . -25.15 10.72 0.31
C1 C15 I . -7.19 24.69 -12.11
C2 C15 I . -8.17 25.59 -11.36
C3 C15 I . -7.67 25.69 -9.91
N1 C15 I . -8.59 26.35 -8.99
C1N C15 I . -9.92 25.68 -8.94
C2N C15 I . -7.94 26.29 -7.66
C16 C15 I . -8.75 27.78 -9.34
S1 C15 I . -7.12 25.01 -13.74
O1S C15 I . -6.17 24.10 -14.30
O2S C15 I . -8.59 24.85 -14.43
O3S C15 I . -6.68 26.37 -13.94
C1 GOL J . -20.20 20.08 13.29
O1 GOL J . -18.94 19.56 13.66
C2 GOL J . -20.39 21.25 14.22
O2 GOL J . -20.08 22.44 13.48
C3 GOL J . -21.80 21.29 14.77
O3 GOL J . -22.40 22.53 14.45
#